data_3HVO
#
_entry.id   3HVO
#
_cell.length_a   153.293
_cell.length_b   64.648
_cell.length_c   135.714
_cell.angle_alpha   90.00
_cell.angle_beta   89.73
_cell.angle_gamma   90.00
#
_symmetry.space_group_name_H-M   'C 1 2 1'
#
loop_
_entity.id
_entity.type
_entity.pdbx_description
1 polymer 'Genome polyprotein'
2 non-polymer 2-(3-bromophenyl)-6-[(2-hydroxyethyl)amino]-1h-benzo[de]isoquinoline-1,3(2h)-dione
3 water water
#
_entity_poly.entity_id   1
_entity_poly.type   'polypeptide(L)'
_entity_poly.pdbx_seq_one_letter_code
;SMSYTWTGALITPCGPEEEKLPINPLSNSLMRFHNKVYSTTSRSASLRAKKVTFDRVQVLDAHYDSVLQDVKRAASKVSA
RLLTVEEACALTPPHSAKSRYGFGAKEVRSLSRRAVNHIRSVWEDLLEDQHTPIDTTIMAKNEVFCIDPTKGGKKPARLI
VYPDLGVRVCEKMALYDIAQKLPKAIMGPSYGFQYSPAERVDFLLKAWGSKKDPMGFSYDTRCFDSTVTERDIRTEESIY
QACSLPQEARTVIHSLTERLYVGGPMTNSKGQSCGYRRCRASGVFTTSMGNTMTCYIKALAACKAAGIVDPVMLVCGDDL
VVISESQGNEEDERNLRAFTEAMTRYSAPPGDLPRPEYDLELITSCSSNVSVALDSRGRRRYFLTRDPTTPITRAAWETV
RHSPVNSWLGNIIQYAPTIWVRMVIMTHFFSILLAQDTLNQNLNFEMYGAVYSVNPLDLPAIIERLHGLEAFSLHTYSPH
ELSRVAATLRKLGAPPLRAWKSRARAVRASLIAQGARAAICGRYLFNWAVKTKLKLTPLPEASRLDLSGWFTVGAGGGDI
YHS
;
_entity_poly.pdbx_strand_id   A,B
#
loop_
_chem_comp.id
_chem_comp.type
_chem_comp.name
_chem_comp.formula
VGI non-polymer 2-(3-bromophenyl)-6-[(2-hydroxyethyl)amino]-1h-benzo[de]isoquinoline-1,3(2h)-dione 'C20 H15 Br N2 O3'
#
# COMPACT_ATOMS: atom_id res chain seq x y z
N SER A 1 -12.65 1.43 -6.47
CA SER A 1 -13.43 2.16 -5.42
C SER A 1 -13.97 3.45 -6.03
N MET A 2 -15.07 3.95 -5.48
CA MET A 2 -15.71 5.16 -5.98
C MET A 2 -14.84 6.37 -5.61
N SER A 3 -14.66 7.28 -6.56
CA SER A 3 -13.87 8.49 -6.32
C SER A 3 -14.50 9.29 -5.18
N TYR A 4 -15.84 9.30 -5.15
CA TYR A 4 -16.61 9.93 -4.08
C TYR A 4 -17.88 9.14 -3.72
N THR A 5 -18.28 9.21 -2.46
CA THR A 5 -19.66 8.93 -2.05
C THR A 5 -20.26 10.17 -1.44
N TRP A 6 -21.59 10.20 -1.38
CA TRP A 6 -22.37 11.39 -1.04
C TRP A 6 -23.50 11.03 -0.08
N THR A 7 -23.69 11.83 0.96
CA THR A 7 -24.79 11.66 1.91
C THR A 7 -26.12 12.23 1.40
N GLY A 8 -26.04 13.16 0.44
CA GLY A 8 -27.23 13.88 -0.02
C GLY A 8 -27.34 15.31 0.47
N ALA A 9 -26.57 15.67 1.50
CA ALA A 9 -26.41 17.08 1.87
C ALA A 9 -25.81 17.83 0.67
N LEU A 10 -26.27 19.06 0.48
CA LEU A 10 -25.84 19.86 -0.66
C LEU A 10 -24.46 20.49 -0.43
N ILE A 11 -23.78 20.80 -1.53
CA ILE A 11 -22.59 21.63 -1.48
C ILE A 11 -23.06 23.09 -1.37
N THR A 12 -22.89 23.66 -0.19
CA THR A 12 -23.47 24.96 0.15
C THR A 12 -22.49 26.13 0.03
N PRO A 13 -23.01 27.32 -0.28
CA PRO A 13 -22.18 28.50 -0.38
C PRO A 13 -21.82 29.07 0.99
N CYS A 14 -20.80 29.90 1.01
CA CYS A 14 -20.45 30.63 2.22
C CYS A 14 -21.37 31.84 2.32
N GLY A 15 -21.17 32.81 1.44
CA GLY A 15 -22.02 34.01 1.42
C GLY A 15 -22.80 34.08 0.12
N PRO A 16 -23.09 35.30 -0.34
CA PRO A 16 -23.86 35.46 -1.59
C PRO A 16 -23.00 35.09 -2.78
N GLU A 17 -23.62 34.71 -3.89
CA GLU A 17 -22.92 34.38 -5.12
C GLU A 17 -23.58 35.10 -6.30
N GLU A 18 -22.88 36.08 -6.86
CA GLU A 18 -23.34 36.82 -8.03
C GLU A 18 -23.11 35.96 -9.27
N GLU A 19 -24.15 35.78 -10.07
CA GLU A 19 -24.12 34.90 -11.25
C GLU A 19 -23.79 35.64 -12.55
N LYS A 20 -24.09 36.92 -12.60
CA LYS A 20 -24.09 37.68 -13.84
C LYS A 20 -23.27 38.96 -13.72
N LEU A 21 -22.61 39.33 -14.81
CA LEU A 21 -21.85 40.57 -14.88
C LEU A 21 -22.82 41.75 -14.87
N PRO A 22 -22.60 42.72 -13.99
CA PRO A 22 -23.44 43.93 -13.99
C PRO A 22 -23.18 44.81 -15.21
N ILE A 23 -24.18 45.64 -15.54
CA ILE A 23 -24.04 46.66 -16.56
C ILE A 23 -23.45 47.89 -15.87
N ASN A 24 -22.28 48.31 -16.34
CA ASN A 24 -21.49 49.35 -15.69
C ASN A 24 -20.57 49.96 -16.76
N PRO A 25 -20.47 51.29 -16.84
CA PRO A 25 -19.69 51.91 -17.90
C PRO A 25 -18.20 51.54 -17.88
N LEU A 26 -17.63 51.22 -16.72
CA LEU A 26 -16.20 50.93 -16.63
C LEU A 26 -15.88 49.54 -17.21
N SER A 27 -16.83 48.62 -17.09
CA SER A 27 -16.70 47.30 -17.70
C SER A 27 -17.26 47.30 -19.13
N ASN A 28 -18.30 48.10 -19.38
CA ASN A 28 -18.96 48.15 -20.71
C ASN A 28 -18.04 48.66 -21.81
N SER A 29 -17.14 49.55 -21.45
CA SER A 29 -16.16 50.09 -22.40
C SER A 29 -15.18 49.02 -22.88
N LEU A 30 -15.02 47.95 -22.11
CA LEU A 30 -14.13 46.85 -22.46
C LEU A 30 -14.87 45.81 -23.29
N MET A 31 -16.11 45.50 -22.89
CA MET A 31 -16.97 44.61 -23.68
C MET A 31 -18.47 44.86 -23.37
N ARG A 32 -19.29 44.91 -24.41
CA ARG A 32 -20.71 45.28 -24.27
C ARG A 32 -21.66 44.14 -23.93
N PHE A 33 -21.29 42.90 -24.28
CA PHE A 33 -22.24 41.79 -24.20
C PHE A 33 -22.19 41.12 -22.83
N HIS A 34 -22.53 41.92 -21.82
CA HIS A 34 -22.56 41.49 -20.43
C HIS A 34 -23.39 40.23 -20.18
N ASN A 35 -24.46 40.02 -20.93
CA ASN A 35 -25.31 38.84 -20.71
C ASN A 35 -24.63 37.51 -21.06
N LYS A 36 -23.53 37.57 -21.82
CA LYS A 36 -22.75 36.37 -22.12
C LYS A 36 -21.82 35.93 -20.97
N VAL A 37 -21.61 36.79 -19.98
CA VAL A 37 -20.67 36.53 -18.92
C VAL A 37 -21.38 35.92 -17.71
N TYR A 38 -20.82 34.86 -17.16
CA TYR A 38 -21.36 34.26 -15.94
C TYR A 38 -20.26 33.85 -14.98
N SER A 39 -20.57 33.84 -13.69
CA SER A 39 -19.70 33.19 -12.70
C SER A 39 -20.36 31.91 -12.26
N THR A 40 -19.57 30.84 -12.10
CA THR A 40 -20.09 29.58 -11.58
C THR A 40 -20.48 29.78 -10.12
N THR A 41 -21.45 28.98 -9.65
CA THR A 41 -21.88 29.02 -8.26
C THR A 41 -22.28 27.64 -7.76
N SER A 42 -22.52 27.57 -6.46
CA SER A 42 -22.96 26.34 -5.82
C SER A 42 -24.26 25.77 -6.39
N ARG A 43 -25.02 26.56 -7.14
CA ARG A 43 -26.27 26.08 -7.75
C ARG A 43 -26.06 24.93 -8.74
N SER A 44 -24.89 24.90 -9.37
CA SER A 44 -24.53 23.83 -10.30
C SER A 44 -23.60 22.76 -9.70
N ALA A 45 -23.42 22.76 -8.39
CA ALA A 45 -22.43 21.88 -7.76
C ALA A 45 -22.81 20.41 -7.92
N SER A 46 -24.11 20.10 -7.85
CA SER A 46 -24.57 18.71 -8.01
C SER A 46 -24.33 18.18 -9.44
N LEU A 47 -24.34 19.05 -10.44
CA LEU A 47 -23.98 18.63 -11.80
C LEU A 47 -22.50 18.23 -11.89
N ARG A 48 -21.62 18.97 -11.22
CA ARG A 48 -20.21 18.61 -11.21
C ARG A 48 -19.99 17.33 -10.40
N ALA A 49 -20.71 17.16 -9.29
CA ALA A 49 -20.56 15.98 -8.45
C ALA A 49 -20.81 14.72 -9.24
N LYS A 50 -21.80 14.74 -10.11
CA LYS A 50 -22.12 13.58 -10.96
C LYS A 50 -20.97 13.28 -11.90
N LYS A 51 -20.39 14.29 -12.52
CA LYS A 51 -19.32 14.05 -13.48
C LYS A 51 -18.04 13.50 -12.83
N VAL A 52 -17.70 13.95 -11.62
CA VAL A 52 -16.46 13.57 -10.95
C VAL A 52 -16.56 12.26 -10.15
N THR A 53 -17.75 11.66 -10.14
CA THR A 53 -18.06 10.50 -9.33
C THR A 53 -18.18 9.26 -10.21
N PHE A 54 -17.23 8.35 -10.05
CA PHE A 54 -17.20 7.10 -10.81
C PHE A 54 -16.23 6.12 -10.16
N ASP A 55 -16.38 4.84 -10.49
CA ASP A 55 -15.52 3.79 -10.00
C ASP A 55 -14.23 3.77 -10.79
N ARG A 56 -13.11 3.48 -10.14
CA ARG A 56 -11.83 3.35 -10.83
C ARG A 56 -11.38 1.90 -10.75
N VAL A 57 -10.83 1.38 -11.86
CA VAL A 57 -10.34 0.00 -11.94
C VAL A 57 -9.01 0.06 -12.68
N GLN A 58 -7.92 0.04 -11.94
CA GLN A 58 -6.60 0.27 -12.48
C GLN A 58 -5.87 -1.06 -12.67
N VAL A 59 -5.23 -1.22 -13.83
CA VAL A 59 -4.41 -2.38 -14.13
C VAL A 59 -3.06 -1.88 -14.62
N LEU A 60 -2.03 -2.22 -13.88
CA LEU A 60 -0.65 -1.83 -14.18
C LEU A 60 0.08 -2.94 -14.92
N ASP A 61 1.18 -2.58 -15.58
CA ASP A 61 1.95 -3.54 -16.38
C ASP A 61 3.41 -3.23 -16.33
N ALA A 62 4.21 -4.01 -17.05
CA ALA A 62 5.67 -3.87 -17.04
C ALA A 62 6.17 -2.50 -17.50
N HIS A 63 5.45 -1.85 -18.42
CA HIS A 63 5.88 -0.52 -18.86
C HIS A 63 5.79 0.48 -17.69
N TYR A 64 4.68 0.44 -16.96
CA TYR A 64 4.50 1.25 -15.76
C TYR A 64 5.59 0.93 -14.74
N ASP A 65 5.78 -0.36 -14.44
CA ASP A 65 6.75 -0.78 -13.41
C ASP A 65 8.15 -0.22 -13.71
N SER A 66 8.60 -0.24 -14.97
CA SER A 66 9.97 0.22 -15.21
C SER A 66 10.10 1.73 -15.09
N VAL A 67 9.08 2.48 -15.51
CA VAL A 67 9.14 3.92 -15.35
C VAL A 67 9.21 4.27 -13.85
N LEU A 68 8.37 3.62 -13.04
CA LEU A 68 8.33 3.87 -11.59
C LEU A 68 9.67 3.54 -10.94
N GLN A 69 10.29 2.44 -11.35
CA GLN A 69 11.60 2.07 -10.85
C GLN A 69 12.64 3.16 -11.18
N ASP A 70 12.63 3.67 -12.42
CA ASP A 70 13.55 4.76 -12.79
C ASP A 70 13.28 6.00 -11.91
N VAL A 71 12.00 6.29 -11.70
CA VAL A 71 11.64 7.47 -10.93
C VAL A 71 12.16 7.39 -9.48
N LYS A 72 11.96 6.25 -8.82
CA LYS A 72 12.44 6.09 -7.45
C LYS A 72 13.96 6.19 -7.35
N ARG A 73 14.66 5.61 -8.32
CA ARG A 73 16.12 5.74 -8.44
C ARG A 73 16.55 7.19 -8.51
N ALA A 74 15.90 7.95 -9.38
CA ALA A 74 16.19 9.37 -9.53
C ALA A 74 15.88 10.11 -8.23
N ALA A 75 14.80 9.72 -7.57
CA ALA A 75 14.40 10.40 -6.34
C ALA A 75 15.46 10.23 -5.23
N SER A 76 16.19 9.12 -5.25
CA SER A 76 17.21 8.83 -4.24
C SER A 76 18.34 9.85 -4.15
N LYS A 77 18.53 10.63 -5.21
CA LYS A 77 19.58 11.67 -5.25
C LYS A 77 19.17 12.98 -4.55
N VAL A 78 17.91 13.08 -4.13
CA VAL A 78 17.38 14.29 -3.49
C VAL A 78 17.52 14.22 -1.99
N SER A 79 18.02 15.29 -1.39
CA SER A 79 18.02 15.52 0.05
C SER A 79 17.12 16.72 0.34
N ALA A 80 16.26 16.61 1.36
CA ALA A 80 15.36 17.69 1.73
C ALA A 80 15.23 17.84 3.24
N ARG A 81 14.70 18.98 3.65
CA ARG A 81 14.55 19.33 5.06
C ARG A 81 13.14 19.82 5.37
N LEU A 82 12.87 19.93 6.66
CA LEU A 82 11.69 20.59 7.19
C LEU A 82 11.85 22.12 7.17
N LEU A 83 10.75 22.82 6.96
CA LEU A 83 10.67 24.27 7.16
C LEU A 83 10.39 24.56 8.61
N THR A 84 10.92 25.66 9.14
CA THR A 84 10.49 26.17 10.44
C THR A 84 9.06 26.67 10.32
N VAL A 85 8.40 26.80 11.45
CA VAL A 85 7.04 27.36 11.49
C VAL A 85 7.01 28.76 10.86
N GLU A 86 8.01 29.59 11.17
CA GLU A 86 8.04 30.96 10.66
C GLU A 86 8.12 30.97 9.13
N GLU A 87 8.88 30.05 8.56
CA GLU A 87 9.02 29.98 7.10
C GLU A 87 7.71 29.57 6.42
N ALA A 88 7.00 28.61 7.02
CA ALA A 88 5.71 28.15 6.48
C ALA A 88 4.65 29.24 6.62
N CYS A 89 4.75 30.03 7.68
CA CYS A 89 3.80 31.09 7.94
C CYS A 89 3.93 32.17 6.86
N ALA A 90 5.17 32.48 6.46
CA ALA A 90 5.45 33.47 5.44
C ALA A 90 4.97 33.02 4.07
N LEU A 91 4.87 31.70 3.86
CA LEU A 91 4.38 31.16 2.59
C LEU A 91 2.84 31.11 2.50
N THR A 92 2.15 31.52 3.55
CA THR A 92 0.69 31.51 3.60
C THR A 92 0.10 32.76 2.92
N PRO A 93 -0.76 32.62 1.91
CA PRO A 93 -1.35 33.81 1.26
C PRO A 93 -2.16 34.67 2.22
N PRO A 94 -2.07 35.99 2.11
CA PRO A 94 -2.83 36.89 3.01
C PRO A 94 -4.34 36.66 3.03
N HIS A 95 -4.94 36.07 1.99
CA HIS A 95 -6.39 35.85 1.99
C HIS A 95 -6.80 34.37 2.01
N SER A 96 -5.91 33.53 2.52
CA SER A 96 -6.15 32.11 2.71
C SER A 96 -7.34 31.91 3.66
N ALA A 97 -8.12 30.87 3.41
CA ALA A 97 -9.31 30.62 4.21
C ALA A 97 -8.98 30.47 5.70
N LYS A 98 -9.74 31.17 6.53
CA LYS A 98 -9.46 31.21 7.96
C LYS A 98 -9.66 29.83 8.60
N SER A 99 -9.04 29.66 9.75
CA SER A 99 -9.17 28.45 10.53
C SER A 99 -10.47 28.53 11.32
N ARG A 100 -11.04 27.37 11.64
CA ARG A 100 -12.19 27.33 12.53
C ARG A 100 -11.78 27.43 14.00
N TYR A 101 -10.48 27.40 14.28
CA TYR A 101 -9.96 27.49 15.66
C TYR A 101 -9.56 28.92 16.08
N GLY A 102 -10.29 29.91 15.57
CA GLY A 102 -10.24 31.28 16.09
C GLY A 102 -9.09 32.16 15.61
N PHE A 103 -8.58 31.89 14.42
CA PHE A 103 -7.60 32.74 13.77
C PHE A 103 -7.65 32.54 12.26
N GLY A 104 -6.99 33.45 11.54
CA GLY A 104 -6.94 33.40 10.08
C GLY A 104 -5.56 33.69 9.51
N ALA A 105 -5.50 33.90 8.20
CA ALA A 105 -4.23 34.14 7.52
C ALA A 105 -3.43 35.31 8.11
N LYS A 106 -4.11 36.38 8.49
CA LYS A 106 -3.46 37.55 9.08
C LYS A 106 -2.64 37.16 10.32
N GLU A 107 -3.26 36.36 11.18
CA GLU A 107 -2.65 35.94 12.44
C GLU A 107 -1.49 34.94 12.22
N VAL A 108 -1.60 34.10 11.18
CA VAL A 108 -0.53 33.19 10.75
C VAL A 108 0.67 34.01 10.31
N ARG A 109 0.45 34.98 9.42
CA ARG A 109 1.55 35.78 8.86
C ARG A 109 2.24 36.67 9.88
N SER A 110 1.52 37.13 10.91
CA SER A 110 2.08 37.96 11.99
C SER A 110 2.68 37.13 13.13
N LEU A 111 2.55 35.79 13.03
CA LEU A 111 3.08 34.86 14.04
C LEU A 111 2.43 35.06 15.40
N SER A 112 1.12 35.25 15.37
CA SER A 112 0.38 35.43 16.59
C SER A 112 0.48 34.13 17.38
N ARG A 113 0.57 34.28 18.69
CA ARG A 113 0.79 33.15 19.57
C ARG A 113 -0.33 32.11 19.48
N ARG A 114 -1.58 32.54 19.33
CA ARG A 114 -2.67 31.58 19.21
C ARG A 114 -2.49 30.72 17.96
N ALA A 115 -2.14 31.36 16.85
CA ALA A 115 -1.98 30.69 15.57
C ALA A 115 -0.82 29.71 15.63
N VAL A 116 0.34 30.19 16.08
CA VAL A 116 1.54 29.37 16.16
C VAL A 116 1.34 28.19 17.13
N ASN A 117 0.71 28.44 18.27
CA ASN A 117 0.50 27.37 19.24
C ASN A 117 -0.45 26.32 18.69
N HIS A 118 -1.44 26.76 17.92
CA HIS A 118 -2.37 25.84 17.31
C HIS A 118 -1.66 24.97 16.27
N ILE A 119 -0.87 25.61 15.41
CA ILE A 119 -0.08 24.92 14.39
C ILE A 119 0.83 23.86 15.01
N ARG A 120 1.44 24.19 16.16
CA ARG A 120 2.30 23.25 16.88
C ARG A 120 1.47 22.06 17.36
N SER A 121 0.23 22.29 17.78
CA SER A 121 -0.62 21.19 18.24
C SER A 121 -0.98 20.26 17.08
N VAL A 122 -1.18 20.83 15.89
CA VAL A 122 -1.54 20.06 14.70
C VAL A 122 -0.35 19.19 14.29
N TRP A 123 0.85 19.77 14.33
CA TRP A 123 2.08 19.08 13.97
C TRP A 123 2.36 17.88 14.91
N GLU A 124 2.24 18.10 16.21
CA GLU A 124 2.40 17.04 17.21
C GLU A 124 1.42 15.89 16.99
N ASP A 125 0.19 16.24 16.63
CA ASP A 125 -0.86 15.23 16.41
C ASP A 125 -0.55 14.41 15.15
N LEU A 126 0.07 15.04 14.14
CA LEU A 126 0.50 14.34 12.94
C LEU A 126 1.67 13.38 13.25
N LEU A 127 2.52 13.72 14.22
CA LEU A 127 3.60 12.83 14.65
C LEU A 127 3.07 11.65 15.44
N GLU A 128 1.96 11.84 16.14
CA GLU A 128 1.43 10.85 17.07
C GLU A 128 0.39 9.92 16.46
N ASP A 129 -0.47 10.47 15.61
CA ASP A 129 -1.60 9.75 15.00
C ASP A 129 -1.34 9.68 13.50
N GLN A 130 -1.11 8.47 12.99
CA GLN A 130 -0.84 8.25 11.57
C GLN A 130 -2.03 7.72 10.78
N HIS A 131 -3.23 7.71 11.37
CA HIS A 131 -4.39 6.99 10.76
C HIS A 131 -5.79 7.65 10.71
N THR A 132 -6.15 8.47 11.69
CA THR A 132 -7.51 9.04 11.73
C THR A 132 -7.72 10.01 10.56
N PRO A 133 -8.71 9.78 9.68
CA PRO A 133 -8.96 10.73 8.61
C PRO A 133 -9.16 12.16 9.11
N ILE A 134 -8.59 13.11 8.39
CA ILE A 134 -8.69 14.52 8.71
C ILE A 134 -9.85 15.13 7.94
N ASP A 135 -10.58 16.02 8.60
CA ASP A 135 -11.73 16.69 8.00
C ASP A 135 -11.31 17.59 6.84
N THR A 136 -12.17 17.66 5.84
CA THR A 136 -12.05 18.62 4.76
C THR A 136 -13.40 19.31 4.55
N THR A 137 -13.33 20.51 4.00
CA THR A 137 -14.49 21.24 3.53
C THR A 137 -14.57 21.07 2.02
N ILE A 138 -15.79 20.94 1.49
CA ILE A 138 -16.02 20.96 0.04
C ILE A 138 -16.83 22.22 -0.32
N MET A 139 -16.31 22.97 -1.28
CA MET A 139 -16.95 24.19 -1.79
C MET A 139 -17.00 24.18 -3.33
N ALA A 140 -17.97 24.91 -3.85
CA ALA A 140 -18.07 25.17 -5.27
C ALA A 140 -17.25 26.43 -5.57
N LYS A 141 -16.34 26.36 -6.54
CA LYS A 141 -15.58 27.54 -6.95
C LYS A 141 -16.44 28.56 -7.70
N ASN A 142 -16.18 29.84 -7.44
CA ASN A 142 -16.74 30.93 -8.22
C ASN A 142 -15.70 31.43 -9.22
N GLU A 143 -15.87 31.05 -10.49
CA GLU A 143 -14.94 31.39 -11.55
C GLU A 143 -15.70 31.90 -12.75
N VAL A 144 -15.12 32.88 -13.45
CA VAL A 144 -15.84 33.59 -14.48
C VAL A 144 -15.53 33.06 -15.88
N PHE A 145 -16.57 32.91 -16.70
CA PHE A 145 -16.40 32.51 -18.10
C PHE A 145 -17.37 33.25 -19.01
N CYS A 146 -17.15 33.08 -20.31
CA CYS A 146 -18.10 33.44 -21.35
C CYS A 146 -18.86 32.19 -21.82
N ILE A 147 -20.15 32.35 -22.10
CA ILE A 147 -20.98 31.25 -22.58
C ILE A 147 -20.44 30.76 -23.92
N ASP A 148 -20.38 29.45 -24.10
CA ASP A 148 -19.90 28.83 -25.34
C ASP A 148 -21.08 28.17 -26.10
N PRO A 149 -21.39 28.66 -27.30
CA PRO A 149 -22.49 28.08 -28.10
C PRO A 149 -22.35 26.56 -28.34
N LYS A 154 -23.46 26.70 -20.19
CA LYS A 154 -22.72 27.10 -19.00
C LYS A 154 -22.14 25.87 -18.33
N LYS A 155 -20.85 25.91 -18.02
CA LYS A 155 -20.24 24.78 -17.32
C LYS A 155 -20.52 24.85 -15.81
N PRO A 156 -20.64 23.68 -15.18
CA PRO A 156 -20.83 23.59 -13.72
C PRO A 156 -19.60 24.09 -12.96
N ALA A 157 -19.78 24.58 -11.75
CA ALA A 157 -18.64 24.95 -10.88
C ALA A 157 -17.68 23.79 -10.66
N ARG A 158 -16.39 24.09 -10.62
CA ARG A 158 -15.40 23.13 -10.16
C ARG A 158 -15.56 23.05 -8.66
N LEU A 159 -15.24 21.89 -8.09
CA LEU A 159 -15.27 21.68 -6.66
C LEU A 159 -13.87 21.77 -6.06
N ILE A 160 -13.76 22.28 -4.84
CA ILE A 160 -12.49 22.36 -4.14
C ILE A 160 -12.64 21.71 -2.77
N VAL A 161 -11.68 20.86 -2.43
CA VAL A 161 -11.68 20.06 -1.20
C VAL A 161 -10.38 20.36 -0.46
N TYR A 162 -10.49 20.94 0.73
CA TYR A 162 -9.29 21.38 1.47
C TYR A 162 -9.46 21.20 2.99
N PRO A 163 -8.36 20.94 3.68
CA PRO A 163 -8.34 20.86 5.14
C PRO A 163 -8.19 22.22 5.77
N ASP A 164 -8.27 22.26 7.09
CA ASP A 164 -8.20 23.51 7.85
C ASP A 164 -6.84 24.19 7.72
N LEU A 165 -6.85 25.51 7.85
CA LEU A 165 -5.62 26.32 7.74
C LEU A 165 -4.46 25.82 8.59
N GLY A 166 -4.72 25.38 9.83
CA GLY A 166 -3.68 24.78 10.66
C GLY A 166 -2.96 23.60 10.00
N VAL A 167 -3.74 22.74 9.36
CA VAL A 167 -3.20 21.61 8.60
C VAL A 167 -2.43 22.07 7.36
N ARG A 168 -2.94 23.08 6.65
CA ARG A 168 -2.29 23.55 5.43
C ARG A 168 -0.87 24.09 5.72
N VAL A 169 -0.69 24.80 6.84
CA VAL A 169 0.62 25.33 7.22
C VAL A 169 1.58 24.14 7.51
N CYS A 170 1.06 23.13 8.21
CA CYS A 170 1.86 21.93 8.48
C CYS A 170 2.31 21.22 7.22
N GLU A 171 1.47 21.16 6.19
CA GLU A 171 1.82 20.52 4.92
C GLU A 171 3.05 21.18 4.32
N LYS A 172 3.12 22.51 4.38
CA LYS A 172 4.29 23.26 3.87
C LYS A 172 5.55 22.90 4.67
N MET A 173 5.42 22.84 5.99
CA MET A 173 6.58 22.49 6.82
C MET A 173 7.16 21.13 6.42
N ALA A 174 6.28 20.16 6.20
CA ALA A 174 6.70 18.82 5.81
C ALA A 174 7.20 18.66 4.37
N LEU A 175 6.58 19.35 3.41
CA LEU A 175 6.75 19.02 1.99
C LEU A 175 7.22 20.13 1.04
N TYR A 176 7.33 21.37 1.50
CA TYR A 176 7.70 22.47 0.61
C TYR A 176 9.08 22.27 -0.02
N ASP A 177 10.05 21.83 0.78
CA ASP A 177 11.42 21.68 0.31
C ASP A 177 11.52 20.55 -0.71
N ILE A 178 10.88 19.41 -0.43
CA ILE A 178 10.73 18.32 -1.41
C ILE A 178 10.12 18.83 -2.71
N ALA A 179 9.06 19.62 -2.60
CA ALA A 179 8.37 20.15 -3.77
C ALA A 179 9.27 21.06 -4.64
N GLN A 180 10.27 21.69 -4.04
CA GLN A 180 11.22 22.52 -4.80
C GLN A 180 12.27 21.71 -5.57
N LYS A 181 12.51 20.45 -5.19
CA LYS A 181 13.60 19.67 -5.76
C LYS A 181 13.20 18.39 -6.52
N LEU A 182 12.14 17.73 -6.06
CA LEU A 182 11.82 16.36 -6.50
C LEU A 182 11.34 16.26 -7.97
N PRO A 183 10.36 17.06 -8.37
CA PRO A 183 9.88 17.01 -9.75
C PRO A 183 10.97 17.12 -10.82
N LYS A 184 11.88 18.09 -10.70
CA LYS A 184 12.99 18.24 -11.65
C LYS A 184 13.95 17.05 -11.58
N ALA A 185 14.19 16.56 -10.37
CA ALA A 185 15.10 15.41 -10.22
C ALA A 185 14.56 14.16 -10.91
N ILE A 186 13.23 13.94 -10.87
CA ILE A 186 12.66 12.72 -11.45
C ILE A 186 12.29 12.83 -12.95
N MET A 187 12.01 14.04 -13.41
CA MET A 187 11.51 14.30 -14.78
C MET A 187 12.46 15.05 -15.69
N GLY A 188 13.47 15.68 -15.11
CA GLY A 188 14.37 16.58 -15.82
C GLY A 188 13.61 17.60 -16.65
N PRO A 189 13.93 17.71 -17.93
CA PRO A 189 13.35 18.77 -18.75
C PRO A 189 11.83 18.58 -19.04
N SER A 190 11.24 17.44 -18.72
CA SER A 190 9.78 17.23 -18.87
C SER A 190 8.92 17.95 -17.80
N TYR A 191 9.53 18.37 -16.71
CA TYR A 191 8.82 19.04 -15.63
C TYR A 191 8.49 20.46 -16.09
N GLY A 192 7.23 20.73 -16.38
CA GLY A 192 6.85 21.96 -17.09
C GLY A 192 6.87 23.24 -16.27
N PHE A 193 6.67 23.13 -14.96
CA PHE A 193 6.58 24.32 -14.12
C PHE A 193 7.92 25.03 -13.86
N GLN A 194 9.04 24.40 -14.22
CA GLN A 194 10.35 25.05 -14.11
C GLN A 194 10.56 26.18 -15.14
N TYR A 195 9.74 26.21 -16.18
CA TYR A 195 9.95 27.13 -17.31
C TYR A 195 9.13 28.39 -17.19
N SER A 196 9.77 29.54 -17.38
CA SER A 196 9.03 30.79 -17.60
C SER A 196 8.35 30.64 -18.95
N PRO A 197 7.44 31.54 -19.29
CA PRO A 197 6.84 31.50 -20.64
C PRO A 197 7.84 31.34 -21.79
N ALA A 198 8.85 32.20 -21.88
CA ALA A 198 9.87 32.09 -22.92
C ALA A 198 10.59 30.76 -22.90
N GLU A 199 10.81 30.21 -21.70
CA GLU A 199 11.54 28.95 -21.59
C GLU A 199 10.66 27.80 -22.08
N ARG A 200 9.35 27.88 -21.85
CA ARG A 200 8.41 26.87 -22.36
C ARG A 200 8.41 26.86 -23.89
N VAL A 201 8.39 28.06 -24.47
CA VAL A 201 8.42 28.26 -25.91
C VAL A 201 9.68 27.67 -26.49
N ASP A 202 10.82 28.01 -25.90
CA ASP A 202 12.10 27.48 -26.35
C ASP A 202 12.14 25.94 -26.29
N PHE A 203 11.62 25.35 -25.23
CA PHE A 203 11.58 23.89 -25.07
C PHE A 203 10.71 23.23 -26.15
N LEU A 204 9.53 23.80 -26.41
CA LEU A 204 8.63 23.26 -27.41
C LEU A 204 9.23 23.37 -28.80
N LEU A 205 9.83 24.52 -29.08
CA LEU A 205 10.39 24.80 -30.39
C LEU A 205 11.54 23.85 -30.68
N LYS A 206 12.40 23.64 -29.68
CA LYS A 206 13.56 22.78 -29.83
C LYS A 206 13.12 21.34 -29.96
N ALA A 207 12.08 20.95 -29.23
CA ALA A 207 11.58 19.59 -29.33
C ALA A 207 11.01 19.36 -30.75
N TRP A 208 10.18 20.29 -31.21
CA TRP A 208 9.60 20.23 -32.55
C TRP A 208 10.68 20.17 -33.63
N GLY A 209 11.69 21.04 -33.52
CA GLY A 209 12.75 21.14 -34.50
C GLY A 209 13.66 19.91 -34.51
N SER A 210 13.74 19.21 -33.38
CA SER A 210 14.60 18.04 -33.25
C SER A 210 14.12 16.80 -34.04
N LYS A 211 12.87 16.80 -34.49
CA LYS A 211 12.30 15.69 -35.23
C LYS A 211 12.37 15.92 -36.73
N LYS A 212 12.67 14.87 -37.50
CA LYS A 212 12.56 14.90 -38.97
C LYS A 212 11.14 15.21 -39.44
N ASP A 213 10.16 14.45 -38.94
CA ASP A 213 8.75 14.69 -39.26
C ASP A 213 7.97 14.77 -37.95
N PRO A 214 7.90 15.96 -37.34
CA PRO A 214 7.27 16.08 -36.02
C PRO A 214 5.79 15.75 -36.02
N MET A 215 5.35 15.15 -34.93
CA MET A 215 3.93 14.97 -34.63
C MET A 215 3.77 15.25 -33.15
N GLY A 216 2.74 16.01 -32.81
CA GLY A 216 2.44 16.30 -31.42
C GLY A 216 0.99 16.04 -31.10
N PHE A 217 0.70 15.76 -29.83
CA PHE A 217 -0.68 15.71 -29.36
C PHE A 217 -0.75 16.15 -27.89
N SER A 218 -1.92 16.59 -27.48
CA SER A 218 -2.17 16.80 -26.06
C SER A 218 -3.20 15.76 -25.58
N TYR A 219 -3.05 15.30 -24.34
CA TYR A 219 -3.93 14.29 -23.80
C TYR A 219 -4.74 14.90 -22.69
N ASP A 220 -6.06 14.83 -22.84
CA ASP A 220 -6.98 15.45 -21.92
C ASP A 220 -7.52 14.32 -21.06
N THR A 221 -7.10 14.26 -19.81
CA THR A 221 -7.64 13.24 -18.92
C THR A 221 -8.99 13.75 -18.42
N ARG A 222 -10.00 12.90 -18.46
CA ARG A 222 -11.32 13.26 -17.93
C ARG A 222 -11.25 13.32 -16.41
N CYS A 223 -11.38 14.54 -15.87
CA CYS A 223 -11.41 14.78 -14.43
C CYS A 223 -10.22 14.09 -13.75
N PHE A 224 -9.01 14.54 -14.06
CA PHE A 224 -7.79 13.85 -13.60
C PHE A 224 -7.82 13.54 -12.10
N ASP A 225 -8.18 14.52 -11.25
CA ASP A 225 -8.13 14.35 -9.79
C ASP A 225 -8.95 13.13 -9.38
N SER A 226 -10.08 12.92 -10.05
CA SER A 226 -10.95 11.79 -9.75
C SER A 226 -10.36 10.47 -10.18
N THR A 227 -9.54 10.47 -11.22
CA THR A 227 -8.93 9.24 -11.68
C THR A 227 -7.73 8.79 -10.85
N VAL A 228 -7.16 9.69 -10.05
CA VAL A 228 -6.07 9.32 -9.15
C VAL A 228 -6.58 8.36 -8.08
N THR A 229 -5.98 7.18 -8.01
CA THR A 229 -6.39 6.15 -7.07
C THR A 229 -5.67 6.26 -5.73
N GLU A 230 -6.20 5.54 -4.75
CA GLU A 230 -5.59 5.47 -3.44
C GLU A 230 -4.17 4.91 -3.59
N ARG A 231 -4.00 3.90 -4.44
CA ARG A 231 -2.68 3.33 -4.67
C ARG A 231 -1.74 4.32 -5.37
N ASP A 232 -2.27 5.11 -6.32
CA ASP A 232 -1.43 6.15 -6.93
C ASP A 232 -0.85 7.05 -5.85
N ILE A 233 -1.68 7.38 -4.87
CA ILE A 233 -1.31 8.37 -3.85
C ILE A 233 -0.30 7.77 -2.87
N ARG A 234 -0.45 6.49 -2.52
CA ARG A 234 0.57 5.81 -1.72
C ARG A 234 1.89 5.67 -2.49
N THR A 235 1.80 5.48 -3.80
CA THR A 235 3.00 5.40 -4.62
C THR A 235 3.73 6.74 -4.64
N GLU A 236 2.97 7.83 -4.69
CA GLU A 236 3.55 9.16 -4.53
C GLU A 236 4.30 9.23 -3.20
N GLU A 237 3.71 8.71 -2.12
CA GLU A 237 4.43 8.73 -0.84
C GLU A 237 5.75 7.97 -0.93
N SER A 238 5.76 6.81 -1.59
CA SER A 238 7.00 6.03 -1.70
C SER A 238 8.09 6.81 -2.47
N ILE A 239 7.69 7.65 -3.42
CA ILE A 239 8.64 8.51 -4.11
C ILE A 239 9.18 9.59 -3.19
N TYR A 240 8.32 10.25 -2.41
CA TYR A 240 8.83 11.19 -1.40
C TYR A 240 9.80 10.47 -0.42
N GLN A 241 9.49 9.25 0.00
CA GLN A 241 10.32 8.56 0.99
C GLN A 241 11.64 8.03 0.40
N ALA A 242 11.75 7.97 -0.93
CA ALA A 242 13.01 7.59 -1.57
C ALA A 242 14.07 8.67 -1.42
N CYS A 243 13.64 9.92 -1.19
CA CYS A 243 14.57 11.03 -0.89
C CYS A 243 15.23 10.82 0.48
N SER A 244 16.36 11.49 0.73
CA SER A 244 16.92 11.56 2.09
C SER A 244 16.24 12.65 2.89
N LEU A 245 15.58 12.22 3.96
CA LEU A 245 14.74 13.08 4.79
C LEU A 245 15.05 12.85 6.24
N PRO A 246 14.86 13.86 7.09
CA PRO A 246 14.81 13.63 8.54
C PRO A 246 13.66 12.69 8.90
N GLN A 247 13.88 11.82 9.88
CA GLN A 247 12.84 10.90 10.35
C GLN A 247 11.53 11.64 10.69
N GLU A 248 11.62 12.83 11.30
CA GLU A 248 10.44 13.58 11.70
C GLU A 248 9.60 13.93 10.47
N ALA A 249 10.28 14.33 9.40
CA ALA A 249 9.60 14.55 8.12
C ALA A 249 8.98 13.27 7.58
N ARG A 250 9.68 12.14 7.67
CA ARG A 250 9.15 10.87 7.13
C ARG A 250 7.84 10.52 7.78
N THR A 251 7.79 10.69 9.11
CA THR A 251 6.60 10.34 9.89
C THR A 251 5.41 11.21 9.49
N VAL A 252 5.60 12.52 9.48
CA VAL A 252 4.51 13.44 9.17
C VAL A 252 4.04 13.27 7.71
N ILE A 253 4.95 12.96 6.80
CA ILE A 253 4.58 12.73 5.41
C ILE A 253 3.69 11.50 5.27
N HIS A 254 4.00 10.45 6.05
CA HIS A 254 3.17 9.25 6.07
C HIS A 254 1.78 9.50 6.67
N SER A 255 1.72 10.29 7.76
CA SER A 255 0.48 10.68 8.40
C SER A 255 -0.38 11.52 7.47
N LEU A 256 0.21 12.51 6.84
CA LEU A 256 -0.54 13.31 5.86
C LEU A 256 -1.06 12.46 4.72
N THR A 257 -0.28 11.49 4.27
CA THR A 257 -0.68 10.60 3.17
C THR A 257 -1.89 9.77 3.59
N GLU A 258 -1.79 9.18 4.78
CA GLU A 258 -2.82 8.25 5.27
C GLU A 258 -4.09 8.94 5.72
N ARG A 259 -3.96 10.14 6.25
CA ARG A 259 -5.09 10.79 6.90
C ARG A 259 -5.75 11.82 6.01
N LEU A 260 -5.03 12.30 5.00
CA LEU A 260 -5.49 13.41 4.20
C LEU A 260 -5.39 13.11 2.71
N TYR A 261 -4.22 12.78 2.19
CA TYR A 261 -4.06 12.67 0.73
C TYR A 261 -4.80 11.48 0.08
N VAL A 262 -4.83 10.31 0.73
CA VAL A 262 -5.49 9.15 0.14
C VAL A 262 -7.02 9.22 0.20
N GLY A 263 -7.56 10.12 1.01
CA GLY A 263 -8.99 10.27 1.17
C GLY A 263 -9.41 10.80 2.52
N GLY A 264 -10.72 11.00 2.70
CA GLY A 264 -11.27 11.44 3.97
C GLY A 264 -12.66 12.02 3.85
N PRO A 265 -13.25 12.36 4.98
CA PRO A 265 -14.61 12.91 5.01
C PRO A 265 -14.64 14.35 4.53
N MET A 266 -15.76 14.74 3.95
CA MET A 266 -15.98 16.07 3.40
C MET A 266 -17.20 16.66 4.10
N THR A 267 -17.07 17.93 4.47
CA THR A 267 -18.09 18.64 5.21
C THR A 267 -18.44 19.87 4.38
N ASN A 268 -19.72 20.27 4.33
CA ASN A 268 -20.11 21.49 3.62
C ASN A 268 -19.92 22.74 4.50
N SER A 269 -20.18 23.92 3.95
CA SER A 269 -19.95 25.18 4.66
C SER A 269 -20.79 25.31 5.93
N LYS A 270 -21.94 24.64 5.95
CA LYS A 270 -22.84 24.64 7.10
C LYS A 270 -22.49 23.65 8.21
N GLY A 271 -21.42 22.89 8.06
CA GLY A 271 -21.00 21.89 9.04
C GLY A 271 -21.70 20.54 8.91
N GLN A 272 -22.40 20.29 7.80
CA GLN A 272 -23.03 19.00 7.53
C GLN A 272 -22.09 18.04 6.79
N SER A 273 -22.10 16.77 7.19
CA SER A 273 -21.38 15.71 6.48
C SER A 273 -21.96 15.60 5.06
N CYS A 274 -21.08 15.66 4.08
CA CYS A 274 -21.46 15.81 2.68
C CYS A 274 -21.05 14.61 1.84
N GLY A 275 -19.90 14.02 2.15
CA GLY A 275 -19.42 12.87 1.40
C GLY A 275 -18.09 12.34 1.90
N TYR A 276 -17.55 11.38 1.14
CA TYR A 276 -16.27 10.78 1.43
C TYR A 276 -15.46 10.61 0.14
N ARG A 277 -14.19 11.01 0.22
CA ARG A 277 -13.29 11.06 -0.93
C ARG A 277 -12.28 9.90 -0.88
N ARG A 278 -12.05 9.27 -2.03
CA ARG A 278 -11.01 8.26 -2.21
C ARG A 278 -10.16 8.58 -3.46
N CYS A 279 -9.99 9.86 -3.72
CA CYS A 279 -9.18 10.32 -4.85
C CYS A 279 -8.34 11.54 -4.44
N ARG A 280 -7.66 12.16 -5.41
CA ARG A 280 -6.91 13.37 -5.13
C ARG A 280 -7.80 14.45 -4.55
N ALA A 281 -7.35 15.07 -3.46
CA ALA A 281 -7.92 16.32 -2.97
C ALA A 281 -7.38 17.47 -3.80
N SER A 282 -8.29 18.33 -4.23
CA SER A 282 -7.99 19.41 -5.16
C SER A 282 -7.31 20.57 -4.44
N GLY A 283 -7.47 20.66 -3.12
CA GLY A 283 -6.98 21.79 -2.36
C GLY A 283 -5.96 21.44 -1.28
N VAL A 284 -5.04 20.54 -1.60
CA VAL A 284 -3.93 20.24 -0.70
C VAL A 284 -2.60 20.73 -1.30
N PHE A 285 -1.59 20.90 -0.45
CA PHE A 285 -0.29 21.38 -0.89
C PHE A 285 0.25 20.55 -2.07
N THR A 286 0.17 19.22 -1.94
CA THR A 286 0.69 18.28 -2.93
C THR A 286 -0.12 18.06 -4.22
N THR A 287 -1.25 18.74 -4.41
CA THR A 287 -2.06 18.50 -5.61
C THR A 287 -1.28 18.66 -6.91
N SER A 288 -0.56 19.76 -7.05
CA SER A 288 0.19 20.04 -8.28
C SER A 288 1.37 19.08 -8.49
N MET A 289 2.20 18.90 -7.45
CA MET A 289 3.37 18.03 -7.52
C MET A 289 2.95 16.58 -7.77
N GLY A 290 1.90 16.14 -7.10
CA GLY A 290 1.41 14.78 -7.20
C GLY A 290 0.81 14.51 -8.57
N ASN A 291 -0.06 15.40 -9.03
CA ASN A 291 -0.61 15.25 -10.39
C ASN A 291 0.51 15.21 -11.43
N THR A 292 1.54 16.03 -11.26
CA THR A 292 2.66 16.12 -12.21
C THR A 292 3.40 14.78 -12.31
N MET A 293 3.84 14.29 -11.16
CA MET A 293 4.59 13.03 -11.08
C MET A 293 3.78 11.87 -11.62
N THR A 294 2.49 11.84 -11.33
CA THR A 294 1.68 10.67 -11.61
C THR A 294 1.28 10.67 -13.08
N CYS A 295 0.98 11.85 -13.58
CA CYS A 295 0.75 12.05 -15.01
C CYS A 295 1.97 11.63 -15.82
N TYR A 296 3.15 12.08 -15.40
CA TYR A 296 4.40 11.74 -16.06
C TYR A 296 4.61 10.23 -16.12
N ILE A 297 4.37 9.57 -15.00
CA ILE A 297 4.65 8.14 -14.90
C ILE A 297 3.74 7.37 -15.85
N LYS A 298 2.43 7.64 -15.76
CA LYS A 298 1.43 6.98 -16.59
C LYS A 298 1.69 7.27 -18.07
N ALA A 299 2.03 8.52 -18.38
CA ALA A 299 2.19 8.95 -19.77
C ALA A 299 3.40 8.32 -20.43
N LEU A 300 4.52 8.30 -19.72
CA LEU A 300 5.76 7.79 -20.29
C LEU A 300 5.64 6.30 -20.50
N ALA A 301 4.97 5.61 -19.56
CA ALA A 301 4.71 4.19 -19.67
C ALA A 301 3.79 3.92 -20.87
N ALA A 302 2.72 4.70 -20.99
CA ALA A 302 1.81 4.60 -22.13
C ALA A 302 2.48 4.87 -23.49
N CYS A 303 3.45 5.77 -23.54
CA CYS A 303 4.23 5.97 -24.76
C CYS A 303 4.96 4.68 -25.15
N LYS A 304 5.57 4.03 -24.17
CA LYS A 304 6.25 2.77 -24.43
C LYS A 304 5.26 1.70 -24.87
N ALA A 305 4.09 1.66 -24.21
CA ALA A 305 3.06 0.66 -24.56
C ALA A 305 2.53 0.84 -25.98
N ALA A 306 2.39 2.09 -26.39
CA ALA A 306 1.77 2.44 -27.65
C ALA A 306 2.75 2.36 -28.83
N GLY A 307 4.04 2.30 -28.53
CA GLY A 307 5.08 2.37 -29.54
C GLY A 307 5.36 3.80 -30.03
N ILE A 308 5.18 4.81 -29.17
CA ILE A 308 5.46 6.19 -29.56
C ILE A 308 6.97 6.33 -29.60
N VAL A 309 7.47 6.95 -30.67
CA VAL A 309 8.87 6.92 -31.05
C VAL A 309 9.59 8.21 -30.65
N ASP A 310 10.52 8.10 -29.69
CA ASP A 310 11.38 9.19 -29.23
C ASP A 310 10.59 10.32 -28.54
N PRO A 311 9.70 9.99 -27.59
CA PRO A 311 8.81 10.99 -27.02
C PRO A 311 9.57 12.10 -26.27
N VAL A 312 9.15 13.34 -26.50
CA VAL A 312 9.53 14.47 -25.67
C VAL A 312 8.23 14.99 -25.05
N MET A 313 8.10 14.87 -23.73
CA MET A 313 6.88 15.20 -23.01
C MET A 313 7.08 16.49 -22.23
N LEU A 314 6.00 17.26 -22.11
CA LEU A 314 5.93 18.39 -21.20
C LEU A 314 4.70 18.23 -20.30
N VAL A 315 4.94 18.10 -19.00
CA VAL A 315 3.91 17.76 -18.03
C VAL A 315 3.78 18.87 -17.01
N CYS A 316 2.57 19.42 -16.87
CA CYS A 316 2.25 20.45 -15.87
C CYS A 316 1.00 20.00 -15.16
N GLY A 317 1.14 19.39 -13.99
CA GLY A 317 0.00 18.79 -13.33
C GLY A 317 -0.67 17.78 -14.26
N ASP A 318 -1.98 17.90 -14.45
CA ASP A 318 -2.73 16.97 -15.30
C ASP A 318 -2.59 17.25 -16.81
N ASP A 319 -1.85 18.29 -17.15
CA ASP A 319 -1.73 18.72 -18.54
C ASP A 319 -0.50 18.06 -19.22
N LEU A 320 -0.73 17.39 -20.35
CA LEU A 320 0.30 16.59 -20.99
C LEU A 320 0.38 16.89 -22.47
N VAL A 321 1.58 17.23 -22.94
CA VAL A 321 1.88 17.32 -24.37
C VAL A 321 3.03 16.39 -24.71
N VAL A 322 2.90 15.66 -25.82
CA VAL A 322 3.90 14.73 -26.31
C VAL A 322 4.24 15.01 -27.78
N ILE A 323 5.52 15.24 -28.05
CA ILE A 323 6.06 15.46 -29.38
C ILE A 323 6.95 14.28 -29.72
N SER A 324 6.76 13.69 -30.89
CA SER A 324 7.44 12.46 -31.30
C SER A 324 7.66 12.41 -32.83
N GLU A 325 8.29 11.34 -33.32
CA GLU A 325 8.47 11.15 -34.76
C GLU A 325 7.20 10.59 -35.41
N SER A 326 6.67 11.26 -36.43
CA SER A 326 5.53 10.71 -37.14
C SER A 326 5.90 9.36 -37.74
N GLN A 327 4.95 8.43 -37.69
CA GLN A 327 5.14 7.10 -38.26
C GLN A 327 4.25 6.94 -39.50
N GLY A 328 3.74 8.06 -40.02
CA GLY A 328 2.76 8.05 -41.09
C GLY A 328 1.37 8.38 -40.55
N ASN A 329 0.48 8.82 -41.42
CA ASN A 329 -0.79 9.38 -41.02
C ASN A 329 -1.72 8.38 -40.34
N GLU A 330 -1.91 7.22 -40.97
CA GLU A 330 -2.70 6.12 -40.39
C GLU A 330 -2.07 5.61 -39.10
N GLU A 331 -0.75 5.41 -39.12
CA GLU A 331 -0.04 4.78 -38.03
C GLU A 331 -0.04 5.68 -36.76
N ASP A 332 0.13 6.99 -36.95
CA ASP A 332 -0.01 7.96 -35.86
C ASP A 332 -1.38 7.84 -35.19
N GLU A 333 -2.44 7.74 -35.99
CA GLU A 333 -3.80 7.60 -35.44
C GLU A 333 -3.91 6.30 -34.62
N ARG A 334 -3.40 5.20 -35.18
CA ARG A 334 -3.39 3.91 -34.49
C ARG A 334 -2.68 4.02 -33.16
N ASN A 335 -1.48 4.61 -33.19
CA ASN A 335 -0.64 4.74 -32.01
C ASN A 335 -1.29 5.58 -30.91
N LEU A 336 -2.07 6.61 -31.24
CA LEU A 336 -2.71 7.46 -30.22
C LEU A 336 -3.85 6.70 -29.56
N ARG A 337 -4.57 5.92 -30.34
CA ARG A 337 -5.58 5.03 -29.80
C ARG A 337 -4.95 4.06 -28.81
N ALA A 338 -3.78 3.53 -29.12
CA ALA A 338 -3.08 2.62 -28.22
C ALA A 338 -2.59 3.36 -26.97
N PHE A 339 -2.15 4.61 -27.16
CA PHE A 339 -1.72 5.42 -26.03
C PHE A 339 -2.90 5.63 -25.10
N THR A 340 -4.04 5.95 -25.69
CA THR A 340 -5.27 6.14 -24.95
C THR A 340 -5.73 4.87 -24.22
N GLU A 341 -5.63 3.72 -24.87
CA GLU A 341 -6.00 2.45 -24.22
C GLU A 341 -5.15 2.20 -22.97
N ALA A 342 -3.86 2.48 -23.06
CA ALA A 342 -2.91 2.23 -21.95
C ALA A 342 -3.17 3.19 -20.79
N MET A 343 -3.30 4.48 -21.11
CA MET A 343 -3.68 5.49 -20.11
C MET A 343 -4.97 5.09 -19.39
N THR A 344 -5.92 4.56 -20.14
CA THR A 344 -7.21 4.13 -19.61
C THR A 344 -7.05 2.97 -18.61
N ARG A 345 -6.22 2.00 -18.98
CA ARG A 345 -5.86 0.91 -18.06
C ARG A 345 -5.20 1.44 -16.77
N TYR A 346 -4.39 2.48 -16.90
CA TYR A 346 -3.68 3.08 -15.77
C TYR A 346 -4.58 4.00 -14.93
N SER A 347 -5.88 4.04 -15.25
CA SER A 347 -6.85 4.94 -14.61
C SER A 347 -6.57 6.40 -14.96
N ALA A 348 -6.55 6.69 -16.25
CA ALA A 348 -6.54 8.08 -16.73
C ALA A 348 -7.20 8.09 -18.11
N PRO A 349 -8.48 7.74 -18.14
CA PRO A 349 -9.26 7.73 -19.39
C PRO A 349 -9.50 9.14 -19.94
N PRO A 350 -9.77 9.30 -21.24
CA PRO A 350 -9.76 10.63 -21.86
C PRO A 350 -11.10 11.34 -21.77
N GLY A 351 -11.10 12.68 -21.74
CA GLY A 351 -12.26 13.48 -22.10
C GLY A 351 -12.28 13.60 -23.63
N ASP A 352 -11.81 14.71 -24.16
CA ASP A 352 -11.53 14.82 -25.60
C ASP A 352 -10.55 13.72 -26.02
N LEU A 353 -10.84 13.04 -27.12
CA LEU A 353 -9.89 12.07 -27.65
C LEU A 353 -8.69 12.84 -28.22
N PRO A 354 -7.48 12.33 -27.99
CA PRO A 354 -6.29 12.94 -28.55
C PRO A 354 -6.27 12.82 -30.08
N ARG A 355 -5.71 13.81 -30.76
CA ARG A 355 -5.55 13.73 -32.20
C ARG A 355 -4.18 14.26 -32.61
N PRO A 356 -3.60 13.64 -33.63
CA PRO A 356 -2.27 14.06 -34.08
C PRO A 356 -2.31 15.43 -34.72
N GLU A 357 -1.32 16.27 -34.41
CA GLU A 357 -1.21 17.61 -34.92
C GLU A 357 0.15 17.74 -35.59
N TYR A 358 0.20 18.40 -36.73
CA TYR A 358 1.45 18.53 -37.52
C TYR A 358 1.87 19.96 -37.74
N ASP A 359 1.24 20.89 -37.01
CA ASP A 359 1.62 22.29 -36.95
C ASP A 359 1.76 22.71 -35.48
N LEU A 360 2.93 23.20 -35.09
CA LEU A 360 3.20 23.54 -33.69
C LEU A 360 2.25 24.60 -33.10
N GLU A 361 1.85 25.59 -33.91
CA GLU A 361 0.98 26.67 -33.46
C GLU A 361 -0.39 26.19 -32.94
N LEU A 362 -0.79 25.01 -33.38
CA LEU A 362 -2.10 24.47 -33.11
C LEU A 362 -2.12 23.48 -31.95
N ILE A 363 -0.96 23.26 -31.35
CA ILE A 363 -0.83 22.43 -30.16
C ILE A 363 -0.96 23.32 -28.91
N THR A 364 -1.90 22.93 -28.05
CA THR A 364 -2.20 23.66 -26.82
C THR A 364 -1.64 22.92 -25.58
N SER A 365 -0.68 23.52 -24.89
CA SER A 365 -0.15 23.08 -23.59
C SER A 365 -0.55 24.12 -22.53
N CYS A 366 -1.32 23.71 -21.51
CA CYS A 366 -1.82 24.58 -20.44
C CYS A 366 -2.67 25.72 -20.98
N SER A 367 -3.58 25.39 -21.88
CA SER A 367 -4.41 26.37 -22.60
C SER A 367 -3.60 27.42 -23.39
N SER A 368 -2.32 27.14 -23.66
CA SER A 368 -1.41 28.06 -24.36
C SER A 368 -0.80 27.40 -25.59
N ASN A 369 -0.35 28.22 -26.53
CA ASN A 369 0.36 27.73 -27.72
C ASN A 369 1.48 28.68 -28.14
N VAL A 370 2.39 28.19 -28.96
CA VAL A 370 3.49 29.00 -29.50
C VAL A 370 3.02 29.65 -30.77
N SER A 371 3.36 30.92 -30.93
CA SER A 371 3.12 31.65 -32.17
C SER A 371 4.35 32.49 -32.52
N VAL A 372 4.32 33.10 -33.71
CA VAL A 372 5.46 33.87 -34.21
C VAL A 372 5.07 35.26 -34.72
N ALA A 373 6.02 36.18 -34.57
CA ALA A 373 5.90 37.55 -35.05
C ALA A 373 7.31 38.07 -35.40
N LEU A 374 7.39 39.34 -35.80
CA LEU A 374 8.67 39.98 -36.07
C LEU A 374 8.96 41.08 -35.05
N ASP A 375 10.23 41.29 -34.72
CA ASP A 375 10.64 42.41 -33.87
C ASP A 375 11.08 43.63 -34.70
N SER A 376 11.59 44.66 -34.03
CA SER A 376 11.88 45.94 -34.71
C SER A 376 13.06 45.84 -35.68
N ARG A 377 13.88 44.81 -35.50
CA ARG A 377 15.00 44.51 -36.42
C ARG A 377 14.62 43.51 -37.52
N GLY A 378 13.35 43.09 -37.56
CA GLY A 378 12.87 42.18 -38.59
C GLY A 378 13.19 40.71 -38.34
N ARG A 379 13.64 40.38 -37.14
CA ARG A 379 13.93 38.99 -36.75
C ARG A 379 12.65 38.26 -36.36
N ARG A 380 12.57 36.97 -36.67
CA ARG A 380 11.48 36.12 -36.18
C ARG A 380 11.64 35.92 -34.68
N ARG A 381 10.54 36.12 -33.96
CA ARG A 381 10.48 35.90 -32.53
C ARG A 381 9.23 35.08 -32.20
N TYR A 382 9.42 34.07 -31.36
CA TYR A 382 8.35 33.21 -30.91
C TYR A 382 7.95 33.57 -29.50
N PHE A 383 6.69 33.30 -29.15
CA PHE A 383 6.14 33.69 -27.87
C PHE A 383 4.91 32.86 -27.55
N LEU A 384 4.56 32.86 -26.27
CA LEU A 384 3.41 32.14 -25.77
C LEU A 384 2.18 33.03 -25.80
N THR A 385 1.08 32.48 -26.27
CA THR A 385 -0.21 33.17 -26.34
C THR A 385 -1.32 32.17 -26.05
N ARG A 386 -2.56 32.64 -26.00
CA ARG A 386 -3.73 31.80 -25.82
C ARG A 386 -4.98 32.51 -26.33
N ASP A 387 -6.09 31.79 -26.37
CA ASP A 387 -7.41 32.37 -26.67
C ASP A 387 -7.75 33.41 -25.61
N PRO A 388 -7.98 34.66 -26.03
CA PRO A 388 -8.15 35.76 -25.06
C PRO A 388 -9.56 35.95 -24.47
N THR A 389 -10.50 35.06 -24.76
CA THR A 389 -11.88 35.21 -24.32
C THR A 389 -11.97 35.23 -22.81
N THR A 390 -11.47 34.19 -22.18
CA THR A 390 -11.55 34.11 -20.73
C THR A 390 -10.77 35.22 -20.02
N PRO A 391 -9.50 35.48 -20.37
CA PRO A 391 -8.81 36.66 -19.82
C PRO A 391 -9.60 37.98 -19.94
N ILE A 392 -10.22 38.26 -21.09
CA ILE A 392 -10.93 39.55 -21.22
C ILE A 392 -12.21 39.54 -20.39
N THR A 393 -12.92 38.40 -20.33
CA THR A 393 -14.16 38.31 -19.60
C THR A 393 -13.86 38.55 -18.10
N ARG A 394 -12.80 37.91 -17.61
CA ARG A 394 -12.38 38.07 -16.20
C ARG A 394 -11.86 39.48 -15.92
N ALA A 395 -11.20 40.09 -16.90
CA ALA A 395 -10.80 41.50 -16.78
C ALA A 395 -12.02 42.39 -16.57
N ALA A 396 -13.09 42.14 -17.32
CA ALA A 396 -14.31 42.94 -17.21
C ALA A 396 -14.97 42.76 -15.84
N TRP A 397 -15.09 41.52 -15.41
CA TRP A 397 -15.70 41.24 -14.11
C TRP A 397 -14.90 41.91 -12.97
N GLU A 398 -13.58 41.74 -13.02
CA GLU A 398 -12.70 42.24 -11.94
C GLU A 398 -12.55 43.76 -11.95
N THR A 399 -12.93 44.39 -13.06
CA THR A 399 -12.99 45.84 -13.15
C THR A 399 -14.06 46.40 -12.22
N VAL A 400 -15.19 45.69 -12.09
CA VAL A 400 -16.30 46.13 -11.23
C VAL A 400 -16.42 45.40 -9.88
N ARG A 401 -15.83 44.21 -9.76
CA ARG A 401 -15.80 43.48 -8.50
C ARG A 401 -14.34 43.06 -8.26
N HIS A 402 -13.60 43.87 -7.50
CA HIS A 402 -12.17 43.63 -7.28
C HIS A 402 -11.94 42.33 -6.53
N SER A 403 -10.92 41.60 -6.96
CA SER A 403 -10.56 40.33 -6.38
C SER A 403 -9.24 40.50 -5.65
N PRO A 404 -9.11 39.90 -4.46
CA PRO A 404 -7.81 39.80 -3.79
C PRO A 404 -6.69 39.34 -4.72
N VAL A 405 -7.01 38.50 -5.71
CA VAL A 405 -6.06 38.10 -6.75
C VAL A 405 -6.48 38.53 -8.18
N ASN A 406 -5.69 39.44 -8.75
CA ASN A 406 -6.01 40.13 -10.02
C ASN A 406 -5.59 39.34 -11.26
N SER A 407 -6.50 38.51 -11.80
CA SER A 407 -6.17 37.66 -12.96
C SER A 407 -5.53 38.45 -14.09
N TRP A 408 -6.00 39.68 -14.30
CA TRP A 408 -5.48 40.50 -15.39
C TRP A 408 -3.98 40.80 -15.30
N LEU A 409 -3.46 40.92 -14.07
CA LEU A 409 -2.05 41.20 -13.85
C LEU A 409 -1.17 39.99 -14.19
N GLY A 410 -1.61 38.79 -13.83
CA GLY A 410 -0.92 37.57 -14.23
C GLY A 410 -0.95 37.38 -15.73
N ASN A 411 -2.04 37.79 -16.38
CA ASN A 411 -2.10 37.70 -17.84
C ASN A 411 -1.14 38.69 -18.52
N ILE A 412 -0.97 39.88 -17.94
CA ILE A 412 0.01 40.83 -18.48
C ILE A 412 1.40 40.22 -18.42
N ILE A 413 1.75 39.62 -17.29
CA ILE A 413 3.12 39.14 -17.09
C ILE A 413 3.39 37.92 -17.95
N GLN A 414 2.46 36.98 -17.95
CA GLN A 414 2.60 35.74 -18.72
C GLN A 414 2.54 35.96 -20.24
N TYR A 415 1.67 36.87 -20.70
CA TYR A 415 1.34 37.00 -22.13
C TYR A 415 1.68 38.38 -22.70
N ALA A 416 2.67 39.03 -22.08
CA ALA A 416 3.02 40.40 -22.40
C ALA A 416 3.30 40.69 -23.88
N PRO A 417 3.97 39.78 -24.59
CA PRO A 417 4.28 40.01 -26.01
C PRO A 417 3.07 39.94 -26.96
N THR A 418 1.90 39.49 -26.49
CA THR A 418 0.75 39.26 -27.35
C THR A 418 0.06 40.55 -27.72
N ILE A 419 -0.63 40.53 -28.86
CA ILE A 419 -1.37 41.69 -29.34
C ILE A 419 -2.54 41.99 -28.43
N TRP A 420 -3.15 40.95 -27.86
CA TRP A 420 -4.34 41.17 -27.04
C TRP A 420 -4.00 41.77 -25.67
N VAL A 421 -2.86 41.39 -25.09
CA VAL A 421 -2.41 41.99 -23.83
C VAL A 421 -2.00 43.43 -24.08
N ARG A 422 -1.22 43.65 -25.14
CA ARG A 422 -0.63 44.94 -25.39
C ARG A 422 -1.67 46.00 -25.76
N MET A 423 -2.64 45.62 -26.61
CA MET A 423 -3.60 46.59 -27.14
C MET A 423 -4.81 46.76 -26.23
N VAL A 424 -5.29 45.67 -25.62
CA VAL A 424 -6.53 45.68 -24.85
C VAL A 424 -6.26 45.74 -23.36
N ILE A 425 -5.64 44.70 -22.79
CA ILE A 425 -5.53 44.59 -21.32
C ILE A 425 -4.70 45.71 -20.70
N MET A 426 -3.50 45.91 -21.23
CA MET A 426 -2.62 47.00 -20.76
C MET A 426 -3.34 48.36 -20.87
N THR A 427 -3.96 48.60 -22.01
CA THR A 427 -4.66 49.89 -22.23
C THR A 427 -5.76 50.11 -21.22
N HIS A 428 -6.58 49.09 -21.02
CA HIS A 428 -7.72 49.17 -20.12
C HIS A 428 -7.28 49.42 -18.68
N PHE A 429 -6.32 48.64 -18.20
CA PHE A 429 -5.95 48.71 -16.78
C PHE A 429 -5.02 49.87 -16.41
N PHE A 430 -4.10 50.24 -17.28
CA PHE A 430 -3.27 51.41 -16.99
C PHE A 430 -4.15 52.68 -16.96
N SER A 431 -5.20 52.73 -17.77
CA SER A 431 -6.14 53.83 -17.68
C SER A 431 -6.81 53.87 -16.31
N ILE A 432 -7.26 52.73 -15.81
CA ILE A 432 -7.88 52.63 -14.49
C ILE A 432 -6.93 53.02 -13.37
N LEU A 433 -5.68 52.54 -13.43
CA LEU A 433 -4.66 52.88 -12.43
C LEU A 433 -4.37 54.37 -12.37
N LEU A 434 -4.28 55.02 -13.53
CA LEU A 434 -4.12 56.47 -13.56
C LEU A 434 -5.32 57.18 -12.93
N ALA A 435 -6.53 56.68 -13.18
CA ALA A 435 -7.76 57.28 -12.70
C ALA A 435 -7.90 57.19 -11.18
N GLN A 436 -7.42 56.09 -10.60
CA GLN A 436 -7.43 55.86 -9.16
C GLN A 436 -6.20 56.49 -8.47
N ASP A 437 -5.21 56.90 -9.26
CA ASP A 437 -3.89 57.29 -8.76
C ASP A 437 -3.28 56.20 -7.86
N THR A 438 -3.35 54.94 -8.30
CA THR A 438 -2.78 53.82 -7.57
C THR A 438 -1.75 53.05 -8.42
N LEU A 439 -1.10 53.76 -9.34
CA LEU A 439 -0.02 53.17 -10.16
C LEU A 439 1.01 52.49 -9.26
N ASN A 440 1.34 53.14 -8.14
CA ASN A 440 2.44 52.73 -7.27
C ASN A 440 2.09 51.65 -6.24
N GLN A 441 0.90 51.07 -6.31
CA GLN A 441 0.45 50.15 -5.28
C GLN A 441 0.69 48.72 -5.71
N ASN A 442 1.30 47.95 -4.82
CA ASN A 442 1.50 46.54 -5.05
C ASN A 442 0.16 45.82 -5.08
N LEU A 443 0.02 44.91 -6.03
CA LEU A 443 -1.17 44.07 -6.21
C LEU A 443 -0.75 42.60 -6.24
N ASN A 444 -1.61 41.73 -5.71
CA ASN A 444 -1.37 40.29 -5.79
C ASN A 444 -1.96 39.67 -7.06
N PHE A 445 -1.38 38.56 -7.48
CA PHE A 445 -1.80 37.86 -8.71
C PHE A 445 -1.36 36.39 -8.71
N GLU A 446 -2.13 35.52 -9.39
CA GLU A 446 -1.77 34.09 -9.56
C GLU A 446 -0.84 33.79 -10.75
N MET A 447 -0.05 32.74 -10.60
CA MET A 447 0.92 32.33 -11.62
C MET A 447 1.42 30.94 -11.29
N TYR A 448 1.03 29.95 -12.11
CA TYR A 448 1.47 28.58 -11.90
C TYR A 448 1.09 28.13 -10.47
N GLY A 449 -0.16 28.32 -10.08
CA GLY A 449 -0.64 27.83 -8.80
C GLY A 449 0.04 28.42 -7.55
N ALA A 450 0.51 29.67 -7.67
CA ALA A 450 1.06 30.42 -6.54
C ALA A 450 0.68 31.91 -6.64
N VAL A 451 0.77 32.62 -5.52
CA VAL A 451 0.36 34.02 -5.46
C VAL A 451 1.62 34.87 -5.26
N TYR A 452 1.69 35.98 -5.99
CA TYR A 452 2.81 36.90 -5.98
C TYR A 452 2.32 38.35 -5.80
N SER A 453 3.27 39.26 -5.61
CA SER A 453 3.02 40.67 -5.38
C SER A 453 3.93 41.46 -6.30
N VAL A 454 3.32 42.32 -7.12
CA VAL A 454 4.02 43.17 -8.07
C VAL A 454 3.48 44.61 -8.03
N ASN A 455 4.38 45.57 -8.23
CA ASN A 455 4.05 46.96 -8.42
C ASN A 455 3.91 47.21 -9.93
N PRO A 456 2.74 47.65 -10.41
CA PRO A 456 2.58 47.89 -11.85
C PRO A 456 3.69 48.75 -12.50
N LEU A 457 4.28 49.67 -11.72
CA LEU A 457 5.37 50.52 -12.24
C LEU A 457 6.65 49.76 -12.58
N ASP A 458 6.81 48.54 -12.07
CA ASP A 458 7.95 47.68 -12.39
C ASP A 458 7.70 46.76 -13.59
N LEU A 459 6.51 46.83 -14.19
CA LEU A 459 6.18 45.94 -15.30
C LEU A 459 7.17 46.02 -16.47
N PRO A 460 7.64 47.19 -16.87
CA PRO A 460 8.59 47.25 -17.98
C PRO A 460 9.82 46.36 -17.76
N ALA A 461 10.46 46.46 -16.60
CA ALA A 461 11.65 45.66 -16.30
C ALA A 461 11.31 44.20 -16.15
N ILE A 462 10.17 43.90 -15.50
CA ILE A 462 9.71 42.51 -15.38
C ILE A 462 9.54 41.87 -16.76
N ILE A 463 8.87 42.60 -17.67
CA ILE A 463 8.61 42.11 -19.01
C ILE A 463 9.89 41.96 -19.85
N GLU A 464 10.79 42.94 -19.79
CA GLU A 464 12.06 42.81 -20.51
C GLU A 464 12.85 41.59 -20.01
N ARG A 465 12.85 41.39 -18.70
CA ARG A 465 13.53 40.24 -18.13
C ARG A 465 12.94 38.91 -18.62
N LEU A 466 11.61 38.76 -18.59
CA LEU A 466 10.96 37.51 -18.99
C LEU A 466 10.93 37.29 -20.50
N HIS A 467 10.67 38.35 -21.25
CA HIS A 467 10.31 38.27 -22.67
C HIS A 467 11.28 38.99 -23.64
N GLY A 468 12.23 39.73 -23.08
CA GLY A 468 13.16 40.52 -23.87
C GLY A 468 12.56 41.84 -24.33
N LEU A 469 13.46 42.73 -24.77
CA LEU A 469 13.08 44.02 -25.35
C LEU A 469 12.13 43.87 -26.53
N GLU A 470 12.27 42.75 -27.25
CA GLU A 470 11.39 42.43 -28.37
C GLU A 470 9.90 42.41 -28.02
N ALA A 471 9.58 42.16 -26.75
CA ALA A 471 8.20 42.20 -26.26
C ALA A 471 7.55 43.56 -26.46
N PHE A 472 8.35 44.62 -26.59
CA PHE A 472 7.85 45.98 -26.82
C PHE A 472 7.83 46.39 -28.30
N SER A 473 8.16 45.47 -29.21
CA SER A 473 8.20 45.80 -30.65
C SER A 473 7.67 44.74 -31.62
N LEU A 474 7.06 43.65 -31.10
CA LEU A 474 6.50 42.61 -31.99
C LEU A 474 5.43 43.19 -32.91
N HIS A 475 5.45 42.76 -34.17
CA HIS A 475 4.49 43.22 -35.16
C HIS A 475 4.35 42.09 -36.15
N THR A 476 3.44 42.20 -37.12
CA THR A 476 3.26 41.14 -38.16
C THR A 476 2.96 39.78 -37.47
CA TYR A 477 1.41 38.60 -36.00
C TYR A 477 0.77 37.66 -37.03
N SER A 478 0.62 36.40 -36.67
CA SER A 478 0.16 35.34 -37.57
C SER A 478 -1.35 35.42 -37.82
N PRO A 479 -1.82 34.88 -38.95
CA PRO A 479 -3.26 34.90 -39.23
C PRO A 479 -4.09 34.05 -38.25
N HIS A 480 -3.59 32.92 -37.79
CA HIS A 480 -4.26 32.17 -36.71
C HIS A 480 -4.47 33.06 -35.49
N GLU A 481 -3.41 33.74 -35.10
CA GLU A 481 -3.44 34.59 -33.94
C GLU A 481 -4.41 35.75 -34.09
N LEU A 482 -4.28 36.50 -35.18
CA LEU A 482 -5.16 37.64 -35.41
C LEU A 482 -6.60 37.24 -35.62
N SER A 483 -6.85 36.11 -36.26
CA SER A 483 -8.24 35.61 -36.40
C SER A 483 -8.88 35.36 -35.05
N ARG A 484 -8.13 34.76 -34.13
CA ARG A 484 -8.66 34.41 -32.81
C ARG A 484 -8.98 35.68 -31.97
N VAL A 485 -8.07 36.65 -31.98
CA VAL A 485 -8.27 37.92 -31.30
C VAL A 485 -9.51 38.62 -31.87
N ALA A 486 -9.60 38.75 -33.20
CA ALA A 486 -10.79 39.31 -33.85
C ALA A 486 -12.11 38.60 -33.52
N ALA A 487 -12.11 37.28 -33.53
CA ALA A 487 -13.31 36.51 -33.15
C ALA A 487 -13.73 36.75 -31.69
N THR A 488 -12.77 36.91 -30.80
CA THR A 488 -13.07 37.19 -29.39
C THR A 488 -13.68 38.59 -29.23
N LEU A 489 -13.08 39.58 -29.88
CA LEU A 489 -13.60 40.95 -29.78
C LEU A 489 -15.06 41.02 -30.26
N ARG A 490 -15.35 40.28 -31.34
CA ARG A 490 -16.71 40.22 -31.89
C ARG A 490 -17.70 39.49 -30.95
N LYS A 491 -17.28 38.34 -30.45
CA LYS A 491 -18.10 37.54 -29.54
C LYS A 491 -18.47 38.31 -28.26
N LEU A 492 -17.52 39.04 -27.69
CA LEU A 492 -17.75 39.75 -26.44
C LEU A 492 -18.40 41.13 -26.63
N GLY A 493 -18.43 41.63 -27.86
CA GLY A 493 -18.84 43.00 -28.12
C GLY A 493 -17.84 44.04 -27.65
N ALA A 494 -16.56 43.75 -27.80
CA ALA A 494 -15.47 44.67 -27.42
C ALA A 494 -15.19 45.63 -28.58
N PRO A 495 -14.68 46.82 -28.28
CA PRO A 495 -14.23 47.74 -29.33
C PRO A 495 -13.18 47.06 -30.20
N PRO A 496 -13.11 47.40 -31.48
CA PRO A 496 -12.12 46.81 -32.38
C PRO A 496 -10.72 47.32 -32.06
N LEU A 497 -9.71 46.61 -32.54
CA LEU A 497 -8.31 46.94 -32.22
C LEU A 497 -7.98 48.39 -32.53
N ARG A 498 -8.57 48.95 -33.58
CA ARG A 498 -8.27 50.34 -33.96
C ARG A 498 -8.71 51.34 -32.90
N ALA A 499 -9.81 51.04 -32.20
CA ALA A 499 -10.30 51.85 -31.09
C ALA A 499 -9.36 51.77 -29.89
N TRP A 500 -8.88 50.56 -29.59
CA TRP A 500 -7.88 50.36 -28.54
C TRP A 500 -6.59 51.14 -28.82
N LYS A 501 -6.22 51.29 -30.08
CA LYS A 501 -5.04 52.09 -30.42
C LYS A 501 -5.30 53.55 -30.08
N SER A 502 -6.49 54.06 -30.44
CA SER A 502 -6.86 55.44 -30.14
C SER A 502 -6.78 55.70 -28.63
N ARG A 503 -7.33 54.79 -27.84
CA ARG A 503 -7.28 54.93 -26.38
C ARG A 503 -5.85 54.91 -25.84
N ALA A 504 -5.03 54.03 -26.40
CA ALA A 504 -3.67 53.82 -25.89
C ALA A 504 -2.76 55.05 -26.11
N ARG A 505 -2.96 55.77 -27.20
CA ARG A 505 -2.24 57.03 -27.46
C ARG A 505 -2.41 57.96 -26.25
N ALA A 506 -3.65 58.10 -25.78
CA ALA A 506 -3.94 58.92 -24.61
C ALA A 506 -3.41 58.39 -23.26
N VAL A 507 -3.50 57.07 -23.05
CA VAL A 507 -2.94 56.48 -21.83
C VAL A 507 -1.42 56.68 -21.81
N ARG A 508 -0.74 56.44 -22.93
CA ARG A 508 0.71 56.67 -23.06
C ARG A 508 1.11 58.10 -22.72
N ALA A 509 0.39 59.05 -23.32
CA ALA A 509 0.62 60.47 -23.05
C ALA A 509 0.50 60.78 -21.57
N SER A 510 -0.55 60.28 -20.91
CA SER A 510 -0.79 60.53 -19.50
C SER A 510 0.33 59.95 -18.63
N LEU A 511 0.80 58.76 -19.01
CA LEU A 511 1.86 58.08 -18.27
C LEU A 511 3.17 58.87 -18.34
N ILE A 512 3.53 59.31 -19.55
CA ILE A 512 4.76 60.09 -19.78
C ILE A 512 4.75 61.40 -18.99
N ALA A 513 3.59 62.07 -18.89
CA ALA A 513 3.50 63.33 -18.17
C ALA A 513 3.63 63.13 -16.65
N GLN A 514 3.35 61.93 -16.16
CA GLN A 514 3.53 61.64 -14.74
C GLN A 514 5.02 61.57 -14.35
N GLY A 515 5.89 61.30 -15.32
CA GLY A 515 7.32 61.27 -15.07
C GLY A 515 7.82 59.98 -14.44
N ALA A 516 9.14 59.93 -14.21
CA ALA A 516 9.81 58.83 -13.50
C ALA A 516 9.40 57.43 -14.03
N ARG A 517 8.98 56.54 -13.15
CA ARG A 517 8.67 55.18 -13.56
C ARG A 517 7.43 55.11 -14.44
N ALA A 518 6.46 55.99 -14.21
CA ALA A 518 5.25 56.00 -15.03
C ALA A 518 5.64 56.29 -16.48
N ALA A 519 6.57 57.21 -16.69
CA ALA A 519 6.98 57.58 -18.04
C ALA A 519 7.68 56.41 -18.75
N ILE A 520 8.44 55.60 -18.01
CA ILE A 520 9.01 54.39 -18.59
C ILE A 520 7.89 53.45 -19.06
N CYS A 521 6.83 53.32 -18.28
CA CYS A 521 5.69 52.48 -18.68
C CYS A 521 5.07 53.00 -19.99
N GLY A 522 4.93 54.32 -20.12
CA GLY A 522 4.39 54.90 -21.34
C GLY A 522 5.26 54.61 -22.55
N ARG A 523 6.56 54.89 -22.41
CA ARG A 523 7.48 54.82 -23.52
C ARG A 523 7.66 53.39 -24.01
N TYR A 524 7.77 52.44 -23.09
CA TYR A 524 8.06 51.05 -23.43
C TYR A 524 6.80 50.23 -23.75
N LEU A 525 5.81 50.28 -22.86
CA LEU A 525 4.64 49.43 -23.04
C LEU A 525 3.79 49.89 -24.21
N PHE A 526 3.76 51.18 -24.49
CA PHE A 526 2.87 51.72 -25.53
C PHE A 526 3.58 52.34 -26.75
N ASN A 527 4.85 51.96 -26.96
CA ASN A 527 5.58 52.35 -28.17
C ASN A 527 4.87 51.89 -29.45
N TRP A 528 4.16 50.76 -29.38
CA TRP A 528 3.37 50.27 -30.53
C TRP A 528 2.30 51.28 -30.99
N ALA A 529 1.87 52.15 -30.09
CA ALA A 529 0.72 53.02 -30.31
C ALA A 529 1.04 54.30 -31.07
N VAL A 530 2.34 54.64 -31.22
CA VAL A 530 2.69 55.91 -31.86
C VAL A 530 3.36 55.71 -33.22
N LYS A 531 3.32 56.76 -34.02
CA LYS A 531 3.83 56.72 -35.39
C LYS A 531 5.35 56.88 -35.39
N THR A 532 5.84 57.88 -34.66
CA THR A 532 7.29 58.13 -34.52
C THR A 532 7.81 57.32 -33.34
N LYS A 533 8.32 56.12 -33.62
CA LYS A 533 8.65 55.20 -32.55
C LYS A 533 9.99 55.56 -31.89
N LEU A 534 10.04 55.43 -30.57
CA LEU A 534 11.27 55.65 -29.83
C LEU A 534 12.17 54.43 -29.95
N LYS A 535 13.47 54.66 -29.86
CA LYS A 535 14.48 53.62 -29.85
C LYS A 535 14.58 53.17 -28.40
N LEU A 536 14.12 51.95 -28.12
CA LEU A 536 14.08 51.46 -26.75
C LEU A 536 15.40 50.78 -26.44
N THR A 537 16.04 51.20 -25.34
CA THR A 537 17.30 50.61 -24.84
C THR A 537 17.04 49.71 -23.65
N PRO A 538 17.92 48.75 -23.37
CA PRO A 538 17.72 47.85 -22.23
C PRO A 538 17.65 48.61 -20.92
N LEU A 539 16.68 48.23 -20.08
CA LEU A 539 16.48 48.82 -18.77
C LEU A 539 17.45 48.16 -17.79
N PRO A 540 18.34 48.95 -17.18
CA PRO A 540 19.33 48.37 -16.24
C PRO A 540 18.72 47.50 -15.12
N GLU A 541 17.55 47.86 -14.59
CA GLU A 541 16.88 47.04 -13.56
C GLU A 541 16.53 45.64 -14.06
N ALA A 542 16.14 45.55 -15.33
CA ALA A 542 15.75 44.26 -15.90
C ALA A 542 16.92 43.27 -15.87
N SER A 543 18.12 43.76 -16.22
CA SER A 543 19.33 42.94 -16.24
C SER A 543 19.75 42.41 -14.87
N ARG A 544 19.20 43.00 -13.81
CA ARG A 544 19.51 42.61 -12.44
C ARG A 544 18.37 41.86 -11.73
N LEU A 545 17.24 41.64 -12.40
CA LEU A 545 16.10 40.93 -11.79
C LEU A 545 16.25 39.41 -11.82
N ASP A 546 15.97 38.79 -10.66
CA ASP A 546 15.88 37.33 -10.49
C ASP A 546 14.40 36.94 -10.28
N LEU A 547 13.78 36.38 -11.32
CA LEU A 547 12.36 36.01 -11.31
C LEU A 547 12.13 34.50 -11.44
N SER A 548 13.19 33.70 -11.27
CA SER A 548 13.12 32.24 -11.32
C SER A 548 12.08 31.68 -10.33
N GLY A 549 12.04 32.27 -9.13
CA GLY A 549 11.12 31.87 -8.06
C GLY A 549 9.64 32.03 -8.37
N TRP A 550 9.32 32.64 -9.52
CA TRP A 550 7.95 32.76 -9.99
C TRP A 550 7.42 31.49 -10.66
N PHE A 551 8.33 30.60 -11.06
CA PHE A 551 7.98 29.43 -11.83
C PHE A 551 8.41 28.21 -11.05
N THR A 552 7.49 27.82 -10.16
CA THR A 552 7.58 26.64 -9.29
C THR A 552 6.32 25.82 -9.47
N VAL A 553 6.27 24.69 -8.77
CA VAL A 553 5.17 23.75 -8.86
C VAL A 553 3.87 24.26 -8.23
N GLY A 554 3.95 25.25 -7.36
CA GLY A 554 2.72 25.81 -6.80
C GLY A 554 2.04 24.84 -5.84
N ALA A 555 0.73 25.03 -5.64
CA ALA A 555 -0.06 24.32 -4.63
C ALA A 555 -1.52 24.23 -5.02
N GLY A 556 -2.19 23.21 -4.49
CA GLY A 556 -3.61 23.06 -4.73
C GLY A 556 -4.35 24.29 -4.25
N GLY A 557 -5.25 24.80 -5.08
CA GLY A 557 -5.98 26.02 -4.79
C GLY A 557 -5.16 27.31 -4.89
N GLY A 558 -3.98 27.24 -5.48
CA GLY A 558 -3.04 28.37 -5.43
C GLY A 558 -2.70 28.85 -4.02
N ASP A 559 -2.68 27.92 -3.06
CA ASP A 559 -2.53 28.29 -1.65
C ASP A 559 -1.07 28.41 -1.18
N ILE A 560 -0.28 29.17 -1.94
CA ILE A 560 1.08 29.52 -1.54
C ILE A 560 1.48 30.88 -2.07
N TYR A 561 2.30 31.58 -1.29
CA TYR A 561 2.58 32.99 -1.49
C TYR A 561 4.08 33.27 -1.38
N HIS A 562 4.66 33.96 -2.36
CA HIS A 562 6.09 34.29 -2.29
C HIS A 562 6.31 35.81 -2.22
N SER A 563 7.00 36.24 -1.15
CA SER A 563 7.47 37.63 -1.01
C SER A 563 8.59 37.71 0.03
N SER B 1 -12.96 -4.65 3.29
CA SER B 1 -13.28 -5.53 2.13
C SER B 1 -13.65 -6.93 2.65
N MET B 2 -14.43 -7.68 1.87
CA MET B 2 -14.80 -9.04 2.25
C MET B 2 -13.61 -10.00 2.10
N SER B 3 -13.42 -10.86 3.10
CA SER B 3 -12.36 -11.87 3.04
C SER B 3 -12.49 -12.78 1.81
N TYR B 4 -13.72 -13.15 1.44
CA TYR B 4 -14.00 -13.89 0.21
C TYR B 4 -15.32 -13.40 -0.43
N THR B 5 -15.39 -13.50 -1.75
CA THR B 5 -16.66 -13.56 -2.48
C THR B 5 -16.78 -14.94 -3.14
N TRP B 6 -17.97 -15.30 -3.58
CA TRP B 6 -18.28 -16.62 -4.12
C TRP B 6 -19.21 -16.53 -5.33
N THR B 7 -19.00 -17.41 -6.30
CA THR B 7 -19.80 -17.45 -7.53
C THR B 7 -21.07 -18.29 -7.39
N GLY B 8 -21.07 -19.25 -6.46
CA GLY B 8 -22.14 -20.23 -6.33
C GLY B 8 -21.69 -21.64 -6.66
N ALA B 9 -20.61 -21.76 -7.43
CA ALA B 9 -20.01 -23.06 -7.69
C ALA B 9 -19.58 -23.70 -6.38
N LEU B 10 -19.64 -25.02 -6.32
CA LEU B 10 -19.37 -25.75 -5.09
C LEU B 10 -17.86 -25.97 -4.90
N ILE B 11 -17.48 -26.15 -3.64
CA ILE B 11 -16.15 -26.63 -3.30
C ILE B 11 -16.19 -28.14 -3.46
N THR B 12 -15.61 -28.61 -4.55
CA THR B 12 -15.74 -30.00 -4.98
C THR B 12 -14.61 -30.89 -4.53
N PRO B 13 -14.89 -32.18 -4.33
CA PRO B 13 -13.84 -33.16 -4.04
C PRO B 13 -13.19 -33.63 -5.34
N CYS B 14 -12.03 -34.26 -5.24
CA CYS B 14 -11.47 -34.96 -6.39
C CYS B 14 -11.32 -36.43 -6.01
N GLY B 15 -12.46 -37.13 -5.95
CA GLY B 15 -12.49 -38.54 -5.61
C GLY B 15 -13.33 -38.82 -4.38
N PRO B 16 -13.29 -40.07 -3.91
CA PRO B 16 -14.13 -40.49 -2.77
C PRO B 16 -13.64 -39.87 -1.45
N GLU B 17 -14.58 -39.61 -0.54
CA GLU B 17 -14.28 -39.10 0.80
C GLU B 17 -15.05 -39.92 1.83
N GLU B 18 -14.34 -40.69 2.66
CA GLU B 18 -14.97 -41.49 3.73
C GLU B 18 -15.29 -40.62 4.94
N GLU B 19 -16.50 -40.78 5.48
CA GLU B 19 -16.96 -40.00 6.63
C GLU B 19 -16.84 -40.79 7.95
N LYS B 20 -16.95 -42.11 7.86
CA LYS B 20 -17.05 -42.96 9.04
C LYS B 20 -15.82 -43.84 9.20
N LEU B 21 -15.36 -44.00 10.43
CA LEU B 21 -14.40 -45.06 10.75
C LEU B 21 -15.09 -46.41 10.72
N PRO B 22 -14.59 -47.34 9.90
CA PRO B 22 -15.21 -48.66 9.80
C PRO B 22 -14.93 -49.51 11.04
N ILE B 23 -15.76 -50.53 11.22
CA ILE B 23 -15.58 -51.52 12.26
C ILE B 23 -14.52 -52.50 11.72
N ASN B 24 -13.44 -52.68 12.50
CA ASN B 24 -12.27 -53.44 12.07
C ASN B 24 -11.47 -53.82 13.31
N PRO B 25 -11.04 -55.08 13.42
CA PRO B 25 -10.33 -55.55 14.63
C PRO B 25 -9.07 -54.77 15.00
N LEU B 26 -8.32 -54.30 14.00
CA LEU B 26 -7.00 -53.67 14.22
C LEU B 26 -7.13 -52.27 14.79
N SER B 27 -8.23 -51.60 14.46
CA SER B 27 -8.58 -50.31 15.03
C SER B 27 -9.41 -50.49 16.31
N ASN B 28 -10.23 -51.54 16.37
CA ASN B 28 -11.14 -51.76 17.49
C ASN B 28 -10.42 -52.06 18.79
N SER B 29 -9.27 -52.72 18.69
CA SER B 29 -8.42 -53.02 19.84
C SER B 29 -7.83 -51.77 20.47
N LEU B 30 -7.74 -50.69 19.69
CA LEU B 30 -7.28 -49.38 20.16
C LEU B 30 -8.44 -48.58 20.77
N MET B 31 -9.58 -48.55 20.08
CA MET B 31 -10.79 -47.88 20.60
C MET B 31 -12.08 -48.46 19.99
N ARG B 32 -13.07 -48.71 20.85
CA ARG B 32 -14.28 -49.46 20.47
C ARG B 32 -15.36 -48.56 19.87
N PHE B 33 -15.39 -47.31 20.28
CA PHE B 33 -16.49 -46.40 19.92
C PHE B 33 -16.27 -45.73 18.57
N HIS B 34 -16.21 -46.55 17.53
CA HIS B 34 -15.97 -46.11 16.16
C HIS B 34 -16.98 -45.09 15.65
N ASN B 35 -18.23 -45.16 16.15
CA ASN B 35 -19.25 -44.20 15.75
C ASN B 35 -19.00 -42.77 16.22
N LYS B 36 -18.11 -42.57 17.19
CA LYS B 36 -17.75 -41.22 17.62
C LYS B 36 -16.73 -40.55 16.68
N VAL B 37 -16.10 -41.34 15.82
CA VAL B 37 -15.05 -40.88 14.92
C VAL B 37 -15.67 -40.41 13.61
N TYR B 38 -15.17 -39.30 13.08
CA TYR B 38 -15.56 -38.86 11.75
C TYR B 38 -14.41 -38.15 11.04
N SER B 39 -14.51 -38.05 9.73
CA SER B 39 -13.60 -37.27 8.93
C SER B 39 -14.40 -36.18 8.24
N THR B 40 -13.85 -34.97 8.20
CA THR B 40 -14.50 -33.89 7.48
C THR B 40 -14.38 -34.17 5.99
N THR B 41 -15.38 -33.72 5.24
CA THR B 41 -15.41 -33.84 3.78
C THR B 41 -15.99 -32.57 3.16
N SER B 42 -16.00 -32.55 1.82
CA SER B 42 -16.56 -31.46 1.03
C SER B 42 -18.06 -31.21 1.24
N ARG B 43 -18.78 -32.15 1.88
CA ARG B 43 -20.21 -31.95 2.14
C ARG B 43 -20.50 -30.80 3.12
N SER B 44 -19.53 -30.49 3.99
CA SER B 44 -19.66 -29.39 4.94
C SER B 44 -18.94 -28.10 4.51
N ALA B 45 -18.40 -28.06 3.30
CA ALA B 45 -17.53 -26.95 2.86
C ALA B 45 -18.26 -25.61 2.78
N SER B 46 -19.49 -25.61 2.29
CA SER B 46 -20.30 -24.39 2.25
C SER B 46 -20.56 -23.83 3.65
N LEU B 47 -20.70 -24.70 4.64
CA LEU B 47 -20.86 -24.25 6.03
C LEU B 47 -19.61 -23.49 6.54
N ARG B 48 -18.42 -24.01 6.24
CA ARG B 48 -17.17 -23.36 6.60
C ARG B 48 -17.03 -22.07 5.82
N ALA B 49 -17.44 -22.10 4.55
CA ALA B 49 -17.30 -20.95 3.66
C ALA B 49 -18.03 -19.73 4.22
N LYS B 50 -19.23 -19.95 4.76
CA LYS B 50 -19.98 -18.87 5.42
C LYS B 50 -19.22 -18.36 6.65
N LYS B 51 -18.69 -19.27 7.47
CA LYS B 51 -17.98 -18.87 8.68
C LYS B 51 -16.76 -17.98 8.43
N VAL B 52 -16.04 -18.24 7.34
CA VAL B 52 -14.77 -17.54 7.08
C VAL B 52 -14.96 -16.30 6.23
N THR B 53 -16.20 -16.06 5.80
CA THR B 53 -16.52 -14.92 4.95
C THR B 53 -17.12 -13.82 5.79
N PHE B 54 -16.43 -12.69 5.86
CA PHE B 54 -16.92 -11.49 6.54
C PHE B 54 -16.11 -10.24 6.14
N ASP B 55 -16.61 -9.06 6.48
CA ASP B 55 -15.96 -7.79 6.18
C ASP B 55 -14.89 -7.50 7.23
N ARG B 56 -13.79 -6.88 6.83
CA ARG B 56 -12.78 -6.45 7.80
C ARG B 56 -12.75 -4.94 7.84
N VAL B 57 -12.71 -4.38 9.05
CA VAL B 57 -12.60 -2.94 9.24
C VAL B 57 -11.46 -2.64 10.22
N GLN B 58 -10.25 -2.54 9.71
CA GLN B 58 -9.08 -2.43 10.56
C GLN B 58 -8.80 -0.98 10.93
N VAL B 59 -8.50 -0.74 12.21
CA VAL B 59 -8.15 0.59 12.70
C VAL B 59 -6.84 0.48 13.50
N LEU B 60 -5.77 1.06 12.95
CA LEU B 60 -4.46 1.08 13.61
C LEU B 60 -4.24 2.34 14.47
N ASP B 61 -3.32 2.24 15.43
CA ASP B 61 -2.98 3.36 16.32
C ASP B 61 -1.48 3.40 16.64
N ALA B 62 -1.09 4.28 17.56
CA ALA B 62 0.30 4.58 17.86
C ALA B 62 1.08 3.41 18.49
N HIS B 63 0.40 2.57 19.25
CA HIS B 63 1.03 1.37 19.81
C HIS B 63 1.46 0.44 18.66
N TYR B 64 0.57 0.25 17.69
CA TYR B 64 0.88 -0.56 16.52
C TYR B 64 2.04 0.05 15.72
N ASP B 65 1.95 1.36 15.44
CA ASP B 65 2.98 2.03 14.64
C ASP B 65 4.37 1.82 15.26
N SER B 66 4.48 1.94 16.57
CA SER B 66 5.79 1.87 17.21
C SER B 66 6.34 0.42 17.23
N VAL B 67 5.48 -0.59 17.38
CA VAL B 67 5.97 -1.98 17.30
C VAL B 67 6.45 -2.29 15.88
N LEU B 68 5.68 -1.87 14.87
CA LEU B 68 6.08 -2.06 13.48
C LEU B 68 7.43 -1.39 13.14
N GLN B 69 7.66 -0.19 13.67
CA GLN B 69 8.94 0.49 13.47
C GLN B 69 10.10 -0.31 14.07
N ASP B 70 9.86 -0.89 15.25
CA ASP B 70 10.89 -1.66 15.94
C ASP B 70 11.23 -2.88 15.11
N VAL B 71 10.20 -3.49 14.51
CA VAL B 71 10.36 -4.71 13.72
C VAL B 71 11.13 -4.43 12.43
N LYS B 72 10.80 -3.33 11.74
CA LYS B 72 11.50 -2.97 10.50
C LYS B 72 12.97 -2.67 10.78
N ARG B 73 13.26 -2.05 11.91
CA ARG B 73 14.65 -1.80 12.32
C ARG B 73 15.40 -3.11 12.55
N ALA B 74 14.81 -4.01 13.32
CA ALA B 74 15.42 -5.32 13.56
C ALA B 74 15.66 -6.09 12.25
N ALA B 75 14.75 -5.97 11.29
CA ALA B 75 14.87 -6.69 10.01
C ALA B 75 16.03 -6.20 9.15
N SER B 76 16.40 -4.94 9.30
CA SER B 76 17.51 -4.36 8.56
C SER B 76 18.88 -4.99 8.88
N LYS B 77 18.98 -5.72 10.00
CA LYS B 77 20.18 -6.48 10.32
C LYS B 77 20.28 -7.84 9.60
N VAL B 78 19.25 -8.20 8.85
CA VAL B 78 19.20 -9.50 8.18
C VAL B 78 19.67 -9.39 6.72
N SER B 79 20.51 -10.33 6.29
CA SER B 79 20.83 -10.52 4.88
C SER B 79 20.42 -11.92 4.48
N ALA B 80 19.82 -12.05 3.30
CA ALA B 80 19.40 -13.35 2.80
C ALA B 80 19.65 -13.47 1.30
N ARG B 81 19.67 -14.71 0.82
CA ARG B 81 19.94 -15.00 -0.58
C ARG B 81 18.85 -15.82 -1.23
N LEU B 82 18.90 -15.88 -2.55
CA LEU B 82 18.06 -16.75 -3.34
C LEU B 82 18.50 -18.19 -3.11
N LEU B 83 17.55 -19.11 -3.16
CA LEU B 83 17.87 -20.53 -3.27
C LEU B 83 17.96 -20.82 -4.75
N THR B 84 18.83 -21.76 -5.12
CA THR B 84 18.88 -22.28 -6.48
C THR B 84 17.63 -23.11 -6.71
N VAL B 85 17.37 -23.42 -7.97
CA VAL B 85 16.23 -24.25 -8.33
C VAL B 85 16.38 -25.62 -7.65
N GLU B 86 17.60 -26.14 -7.58
CA GLU B 86 17.89 -27.47 -7.06
C GLU B 86 17.64 -27.52 -5.54
N GLU B 87 18.13 -26.50 -4.84
CA GLU B 87 17.93 -26.37 -3.39
C GLU B 87 16.43 -26.36 -3.04
N ALA B 88 15.66 -25.59 -3.81
CA ALA B 88 14.21 -25.47 -3.64
C ALA B 88 13.49 -26.79 -3.92
N CYS B 89 13.93 -27.46 -4.98
CA CYS B 89 13.40 -28.78 -5.34
C CYS B 89 13.56 -29.80 -4.21
N ALA B 90 14.70 -29.77 -3.53
CA ALA B 90 14.98 -30.72 -2.45
C ALA B 90 14.22 -30.41 -1.16
N LEU B 91 13.61 -29.23 -1.08
CA LEU B 91 12.72 -28.90 0.03
C LEU B 91 11.26 -29.27 -0.25
N THR B 92 10.99 -29.83 -1.42
CA THR B 92 9.62 -30.17 -1.81
C THR B 92 9.22 -31.55 -1.29
N PRO B 93 8.15 -31.67 -0.50
CA PRO B 93 7.71 -32.98 0.01
C PRO B 93 7.40 -34.00 -1.09
N PRO B 94 7.73 -35.30 -0.89
CA PRO B 94 7.47 -36.33 -1.91
C PRO B 94 6.03 -36.44 -2.42
N HIS B 95 5.05 -36.07 -1.60
CA HIS B 95 3.64 -36.17 -2.01
C HIS B 95 2.94 -34.82 -2.14
N SER B 96 3.74 -33.77 -2.38
CA SER B 96 3.21 -32.45 -2.68
C SER B 96 2.30 -32.57 -3.92
N ALA B 97 1.21 -31.80 -3.92
CA ALA B 97 0.19 -31.89 -4.97
C ALA B 97 0.80 -31.65 -6.35
N LYS B 98 0.42 -32.49 -7.31
CA LYS B 98 1.02 -32.45 -8.64
C LYS B 98 0.71 -31.12 -9.34
N SER B 99 1.59 -30.72 -10.24
CA SER B 99 1.32 -29.60 -11.15
C SER B 99 0.28 -29.98 -12.21
N ARG B 100 -0.41 -28.99 -12.73
CA ARG B 100 -1.29 -29.19 -13.88
C ARG B 100 -0.52 -29.22 -15.21
N TYR B 101 0.81 -29.03 -15.16
CA TYR B 101 1.64 -28.87 -16.34
C TYR B 101 2.51 -30.10 -16.63
N GLY B 102 1.99 -31.28 -16.28
CA GLY B 102 2.57 -32.56 -16.70
C GLY B 102 3.68 -33.12 -15.83
N PHE B 103 3.71 -32.74 -14.55
CA PHE B 103 4.69 -33.32 -13.63
C PHE B 103 4.23 -33.18 -12.19
N GLY B 104 4.86 -33.95 -11.31
CA GLY B 104 4.55 -33.95 -9.89
C GLY B 104 5.78 -33.80 -9.03
N ALA B 105 5.61 -33.96 -7.73
CA ALA B 105 6.71 -33.83 -6.78
C ALA B 105 7.87 -34.77 -7.01
N LYS B 106 7.57 -36.00 -7.44
CA LYS B 106 8.62 -36.96 -7.80
C LYS B 106 9.57 -36.36 -8.84
N GLU B 107 9.00 -35.75 -9.86
CA GLU B 107 9.80 -35.17 -10.93
C GLU B 107 10.55 -33.92 -10.43
N VAL B 108 9.93 -33.16 -9.54
CA VAL B 108 10.60 -32.00 -8.93
C VAL B 108 11.83 -32.47 -8.17
N ARG B 109 11.65 -33.47 -7.31
CA ARG B 109 12.75 -33.96 -6.47
C ARG B 109 13.86 -34.62 -7.30
N SER B 110 13.50 -35.25 -8.41
CA SER B 110 14.49 -35.90 -9.30
C SER B 110 15.16 -34.91 -10.30
N LEU B 111 14.73 -33.65 -10.27
CA LEU B 111 15.24 -32.61 -11.16
C LEU B 111 15.05 -32.99 -12.64
N SER B 112 13.91 -33.57 -12.97
CA SER B 112 13.59 -33.86 -14.35
C SER B 112 13.58 -32.55 -15.15
N ARG B 113 13.94 -32.64 -16.42
CA ARG B 113 14.05 -31.48 -17.29
C ARG B 113 12.71 -30.74 -17.47
N ARG B 114 11.61 -31.47 -17.52
CA ARG B 114 10.27 -30.87 -17.71
C ARG B 114 9.88 -30.02 -16.50
N ALA B 115 10.15 -30.54 -15.30
CA ALA B 115 9.81 -29.86 -14.06
C ALA B 115 10.67 -28.61 -13.89
N VAL B 116 11.97 -28.74 -14.12
CA VAL B 116 12.91 -27.64 -13.92
C VAL B 116 12.71 -26.54 -14.98
N ASN B 117 12.51 -26.93 -16.24
CA ASN B 117 12.18 -25.96 -17.27
C ASN B 117 10.96 -25.14 -16.89
N HIS B 118 9.93 -25.82 -16.36
CA HIS B 118 8.69 -25.13 -16.00
C HIS B 118 8.93 -24.18 -14.83
N ILE B 119 9.56 -24.66 -13.76
CA ILE B 119 9.88 -23.84 -12.59
C ILE B 119 10.59 -22.57 -13.07
N ARG B 120 11.61 -22.72 -13.92
CA ARG B 120 12.33 -21.57 -14.47
C ARG B 120 11.44 -20.61 -15.26
N SER B 121 10.50 -21.12 -16.05
CA SER B 121 9.56 -20.28 -16.79
C SER B 121 8.66 -19.48 -15.85
N VAL B 122 8.17 -20.12 -14.80
CA VAL B 122 7.33 -19.46 -13.81
C VAL B 122 8.12 -18.33 -13.13
N TRP B 123 9.39 -18.59 -12.84
CA TRP B 123 10.27 -17.60 -12.20
C TRP B 123 10.49 -16.37 -13.08
N GLU B 124 10.73 -16.58 -14.36
CA GLU B 124 10.95 -15.47 -15.29
C GLU B 124 9.66 -14.68 -15.51
N ASP B 125 8.52 -15.36 -15.50
CA ASP B 125 7.23 -14.67 -15.55
C ASP B 125 6.95 -13.84 -14.27
N LEU B 126 7.49 -14.27 -13.12
CA LEU B 126 7.36 -13.49 -11.88
C LEU B 126 8.25 -12.25 -11.93
N LEU B 127 9.40 -12.37 -12.59
CA LEU B 127 10.31 -11.25 -12.77
C LEU B 127 9.79 -10.19 -13.73
N GLU B 128 8.89 -10.58 -14.66
CA GLU B 128 8.42 -9.68 -15.72
C GLU B 128 7.05 -9.07 -15.46
N ASP B 129 6.19 -9.84 -14.82
CA ASP B 129 4.80 -9.47 -14.58
C ASP B 129 4.58 -9.39 -13.07
N GLN B 130 4.19 -8.22 -12.59
CA GLN B 130 4.10 -7.95 -11.14
C GLN B 130 2.66 -7.79 -10.67
N HIS B 131 1.68 -8.12 -11.51
CA HIS B 131 0.30 -7.69 -11.24
C HIS B 131 -0.85 -8.69 -11.57
N THR B 132 -0.68 -9.55 -12.56
CA THR B 132 -1.75 -10.45 -12.97
C THR B 132 -2.02 -11.47 -11.87
N PRO B 133 -3.22 -11.52 -11.30
CA PRO B 133 -3.46 -12.49 -10.23
C PRO B 133 -3.16 -13.92 -10.65
N ILE B 134 -2.63 -14.70 -9.71
CA ILE B 134 -2.27 -16.09 -9.94
C ILE B 134 -3.39 -17.00 -9.46
N ASP B 135 -3.68 -18.04 -10.24
CA ASP B 135 -4.76 -18.97 -9.92
C ASP B 135 -4.46 -19.74 -8.66
N THR B 136 -5.51 -20.04 -7.91
CA THR B 136 -5.42 -20.97 -6.80
C THR B 136 -6.55 -21.98 -6.86
N THR B 137 -6.32 -23.16 -6.30
CA THR B 137 -7.36 -24.15 -6.07
C THR B 137 -7.87 -24.03 -4.65
N ILE B 138 -9.17 -24.17 -4.47
CA ILE B 138 -9.75 -24.31 -3.13
C ILE B 138 -10.27 -25.75 -2.94
N MET B 139 -9.88 -26.39 -1.84
CA MET B 139 -10.31 -27.75 -1.49
C MET B 139 -10.75 -27.80 -0.03
N ALA B 140 -11.70 -28.69 0.27
CA ALA B 140 -12.01 -29.02 1.65
C ALA B 140 -11.00 -30.07 2.14
N LYS B 141 -10.39 -29.82 3.30
CA LYS B 141 -9.51 -30.80 3.94
C LYS B 141 -10.29 -31.99 4.51
N ASN B 142 -9.69 -33.17 4.44
CA ASN B 142 -10.20 -34.36 5.09
C ASN B 142 -9.34 -34.59 6.34
N GLU B 143 -9.88 -34.23 7.50
CA GLU B 143 -9.21 -34.39 8.79
C GLU B 143 -10.11 -35.10 9.79
N VAL B 144 -9.51 -35.91 10.64
CA VAL B 144 -10.27 -36.80 11.52
C VAL B 144 -10.37 -36.24 12.94
N PHE B 145 -11.56 -36.35 13.52
CA PHE B 145 -11.84 -35.93 14.89
C PHE B 145 -12.80 -36.89 15.60
N CYS B 146 -12.94 -36.67 16.89
CA CYS B 146 -13.96 -37.32 17.70
C CYS B 146 -15.08 -36.33 17.93
N ILE B 147 -16.33 -36.80 17.89
CA ILE B 147 -17.46 -35.92 18.18
C ILE B 147 -17.31 -35.37 19.60
N ASP B 148 -17.75 -34.13 19.78
CA ASP B 148 -17.76 -33.49 21.08
C ASP B 148 -19.18 -33.08 21.46
N LYS B 154 -20.30 -32.03 15.00
CA LYS B 154 -19.15 -32.18 14.10
C LYS B 154 -18.69 -30.85 13.55
N LYS B 155 -17.38 -30.69 13.43
CA LYS B 155 -16.77 -29.51 12.82
C LYS B 155 -16.91 -29.60 11.30
N PRO B 156 -17.18 -28.47 10.63
CA PRO B 156 -17.08 -28.42 9.17
C PRO B 156 -15.61 -28.55 8.73
N ALA B 157 -15.37 -28.99 7.49
CA ALA B 157 -14.04 -29.10 6.95
C ALA B 157 -13.39 -27.73 6.92
N ARG B 158 -12.11 -27.67 7.28
CA ARG B 158 -11.32 -26.47 7.03
C ARG B 158 -11.09 -26.40 5.52
N LEU B 159 -10.81 -25.20 5.02
CA LEU B 159 -10.56 -24.95 3.61
C LEU B 159 -9.07 -24.68 3.38
N ILE B 160 -8.54 -25.12 2.24
CA ILE B 160 -7.16 -24.84 1.86
C ILE B 160 -7.11 -24.21 0.45
N VAL B 161 -6.37 -23.12 0.34
CA VAL B 161 -6.22 -22.34 -0.88
C VAL B 161 -4.73 -22.31 -1.25
N TYR B 162 -4.37 -22.85 -2.42
CA TYR B 162 -2.96 -23.01 -2.81
C TYR B 162 -2.76 -22.82 -4.31
N PRO B 163 -1.59 -22.31 -4.71
CA PRO B 163 -1.24 -22.21 -6.13
C PRO B 163 -0.58 -23.48 -6.62
N ASP B 164 -0.28 -23.51 -7.90
CA ASP B 164 0.29 -24.68 -8.55
C ASP B 164 1.69 -24.97 -8.02
N LEU B 165 2.10 -26.22 -8.10
CA LEU B 165 3.42 -26.67 -7.64
C LEU B 165 4.57 -25.83 -8.18
N GLY B 166 4.49 -25.48 -9.46
CA GLY B 166 5.47 -24.64 -10.10
C GLY B 166 5.69 -23.36 -9.33
N VAL B 167 4.60 -22.69 -8.97
CA VAL B 167 4.66 -21.49 -8.15
C VAL B 167 5.24 -21.77 -6.75
N ARG B 168 4.76 -22.84 -6.11
CA ARG B 168 5.20 -23.20 -4.77
C ARG B 168 6.71 -23.35 -4.67
N VAL B 169 7.35 -23.94 -5.69
CA VAL B 169 8.80 -24.12 -5.65
C VAL B 169 9.51 -22.75 -5.72
N CYS B 170 8.98 -21.86 -6.56
CA CYS B 170 9.49 -20.49 -6.72
C CYS B 170 9.42 -19.70 -5.42
N GLU B 171 8.35 -19.90 -4.65
CA GLU B 171 8.22 -19.26 -3.33
C GLU B 171 9.43 -19.58 -2.45
N LYS B 172 9.85 -20.83 -2.44
CA LYS B 172 11.00 -21.21 -1.62
C LYS B 172 12.28 -20.57 -2.15
N MET B 173 12.47 -20.53 -3.47
CA MET B 173 13.64 -19.87 -4.05
C MET B 173 13.76 -18.42 -3.55
N ALA B 174 12.64 -17.71 -3.52
CA ALA B 174 12.62 -16.28 -3.16
C ALA B 174 12.71 -16.01 -1.66
N LEU B 175 12.10 -16.88 -0.84
CA LEU B 175 11.78 -16.55 0.55
C LEU B 175 12.19 -17.57 1.62
N TYR B 176 12.76 -18.70 1.24
CA TYR B 176 13.14 -19.69 2.23
C TYR B 176 14.22 -19.18 3.20
N ASP B 177 15.27 -18.62 2.64
CA ASP B 177 16.39 -18.10 3.44
C ASP B 177 15.94 -16.96 4.36
N ILE B 178 15.08 -16.08 3.86
CA ILE B 178 14.43 -15.07 4.69
C ILE B 178 13.69 -15.74 5.86
N ALA B 179 12.91 -16.78 5.55
CA ALA B 179 12.18 -17.52 6.58
C ALA B 179 13.09 -18.20 7.61
N GLN B 180 14.32 -18.57 7.24
CA GLN B 180 15.27 -19.14 8.20
C GLN B 180 15.83 -18.09 9.18
N LYS B 181 15.76 -16.81 8.82
CA LYS B 181 16.44 -15.75 9.58
C LYS B 181 15.58 -14.64 10.16
N LEU B 182 14.56 -14.20 9.43
CA LEU B 182 13.82 -12.98 9.75
C LEU B 182 12.98 -13.08 11.05
N PRO B 183 12.13 -14.10 11.18
CA PRO B 183 11.32 -14.22 12.40
C PRO B 183 12.14 -14.16 13.68
N LYS B 184 13.25 -14.90 13.76
CA LYS B 184 14.11 -14.85 14.95
C LYS B 184 14.76 -13.47 15.17
N ALA B 185 15.19 -12.82 14.10
CA ALA B 185 15.78 -11.48 14.21
C ALA B 185 14.78 -10.43 14.73
N ILE B 186 13.50 -10.53 14.36
CA ILE B 186 12.53 -9.50 14.77
C ILE B 186 11.81 -9.79 16.08
N MET B 187 11.68 -11.06 16.46
CA MET B 187 10.91 -11.45 17.64
C MET B 187 11.75 -12.11 18.72
N GLY B 188 12.99 -12.47 18.41
CA GLY B 188 13.89 -13.11 19.36
C GLY B 188 13.34 -14.40 19.94
N PRO B 189 13.41 -14.55 21.27
CA PRO B 189 12.90 -15.77 21.92
C PRO B 189 11.37 -16.00 21.77
N SER B 190 10.62 -15.01 21.31
CA SER B 190 9.17 -15.16 21.16
C SER B 190 8.74 -15.94 19.92
N TYR B 191 9.67 -16.15 19.00
CA TYR B 191 9.41 -16.94 17.82
C TYR B 191 9.36 -18.44 18.17
N GLY B 192 8.17 -19.01 18.17
CA GLY B 192 7.97 -20.36 18.65
C GLY B 192 8.53 -21.48 17.79
N PHE B 193 8.61 -21.28 16.48
CA PHE B 193 9.00 -22.39 15.59
C PHE B 193 10.50 -22.74 15.65
N GLN B 194 11.29 -21.91 16.32
CA GLN B 194 12.72 -22.19 16.54
C GLN B 194 12.99 -23.25 17.62
N TYR B 195 11.96 -23.71 18.33
CA TYR B 195 12.13 -24.60 19.49
C TYR B 195 11.71 -26.06 19.20
N SER B 196 12.53 -27.00 19.65
CA SER B 196 12.11 -28.37 19.83
C SER B 196 11.15 -28.37 21.03
N PRO B 197 10.36 -29.42 21.22
CA PRO B 197 9.44 -29.46 22.37
C PRO B 197 10.09 -29.15 23.73
N ALA B 198 11.27 -29.69 24.00
CA ALA B 198 11.96 -29.46 25.25
C ALA B 198 12.42 -28.00 25.39
N GLU B 199 12.77 -27.39 24.27
CA GLU B 199 13.17 -25.98 24.27
C GLU B 199 11.97 -25.06 24.50
N ARG B 200 10.79 -25.48 24.06
CA ARG B 200 9.54 -24.75 24.33
C ARG B 200 9.18 -24.83 25.82
N VAL B 201 9.35 -26.00 26.39
CA VAL B 201 9.18 -26.20 27.83
C VAL B 201 10.10 -25.28 28.62
N ASP B 202 11.37 -25.27 28.24
CA ASP B 202 12.36 -24.45 28.91
C ASP B 202 12.01 -22.98 28.83
N PHE B 203 11.59 -22.51 27.67
CA PHE B 203 11.20 -21.13 27.49
C PHE B 203 10.02 -20.73 28.40
N LEU B 204 8.98 -21.56 28.45
CA LEU B 204 7.76 -21.22 29.19
C LEU B 204 8.03 -21.23 30.69
N LEU B 205 8.81 -22.22 31.15
CA LEU B 205 9.23 -22.32 32.55
C LEU B 205 10.05 -21.12 33.02
N LYS B 206 11.01 -20.71 32.19
CA LYS B 206 11.83 -19.55 32.50
C LYS B 206 11.01 -18.24 32.47
N ALA B 207 10.09 -18.09 31.50
CA ALA B 207 9.22 -16.93 31.49
C ALA B 207 8.33 -16.90 32.75
N TRP B 208 7.77 -18.05 33.12
CA TRP B 208 6.87 -18.14 34.30
C TRP B 208 7.63 -17.84 35.60
N GLY B 209 8.80 -18.43 35.74
CA GLY B 209 9.67 -18.18 36.88
C GLY B 209 10.23 -16.76 37.01
N SER B 210 10.30 -16.04 35.89
CA SER B 210 10.87 -14.67 35.89
C SER B 210 9.90 -13.64 36.47
N LYS B 211 8.63 -14.02 36.66
CA LYS B 211 7.62 -13.13 37.23
C LYS B 211 7.48 -13.38 38.73
N LYS B 212 7.25 -12.33 39.51
CA LYS B 212 6.93 -12.50 40.93
C LYS B 212 5.55 -13.12 41.12
N ASP B 213 4.56 -12.56 40.44
CA ASP B 213 3.19 -13.08 40.47
C ASP B 213 2.74 -13.37 39.04
N PRO B 214 3.10 -14.52 38.49
CA PRO B 214 2.81 -14.80 37.08
C PRO B 214 1.31 -14.88 36.77
N MET B 215 0.96 -14.40 35.58
CA MET B 215 -0.36 -14.58 35.02
C MET B 215 -0.17 -14.83 33.53
N GLY B 216 -0.81 -15.86 33.02
CA GLY B 216 -0.76 -16.18 31.60
C GLY B 216 -2.13 -16.30 30.97
N PHE B 217 -2.19 -16.04 29.68
CA PHE B 217 -3.39 -16.32 28.90
C PHE B 217 -3.02 -16.67 27.47
N SER B 218 -3.85 -17.49 26.84
CA SER B 218 -3.74 -17.69 25.41
C SER B 218 -4.84 -16.88 24.73
N TYR B 219 -4.59 -16.38 23.51
CA TYR B 219 -5.58 -15.61 22.78
C TYR B 219 -5.92 -16.34 21.48
N ASP B 220 -7.21 -16.61 21.31
CA ASP B 220 -7.71 -17.41 20.20
C ASP B 220 -8.39 -16.45 19.23
N THR B 221 -7.76 -16.22 18.08
CA THR B 221 -8.36 -15.39 17.06
C THR B 221 -9.38 -16.22 16.28
N ARG B 222 -10.56 -15.69 16.07
CA ARG B 222 -11.59 -16.33 15.23
C ARG B 222 -11.15 -16.31 13.76
N CYS B 223 -10.76 -17.47 13.24
CA CYS B 223 -10.40 -17.62 11.83
C CYS B 223 -9.33 -16.63 11.41
N PHE B 224 -8.14 -16.77 11.97
CA PHE B 224 -7.08 -15.79 11.80
C PHE B 224 -6.81 -15.45 10.33
N ASP B 225 -6.77 -16.46 9.46
CA ASP B 225 -6.47 -16.23 8.04
C ASP B 225 -7.42 -15.22 7.38
N SER B 226 -8.70 -15.33 7.69
CA SER B 226 -9.72 -14.42 7.16
C SER B 226 -9.60 -13.02 7.70
N THR B 227 -9.04 -12.88 8.91
CA THR B 227 -8.85 -11.55 9.52
C THR B 227 -7.68 -10.78 8.96
N VAL B 228 -6.74 -11.48 8.29
CA VAL B 228 -5.56 -10.83 7.74
C VAL B 228 -5.97 -9.98 6.54
N THR B 229 -5.70 -8.69 6.61
CA THR B 229 -6.07 -7.78 5.55
C THR B 229 -5.02 -7.69 4.44
N GLU B 230 -5.42 -7.06 3.35
CA GLU B 230 -4.51 -6.86 2.24
C GLU B 230 -3.37 -5.97 2.70
N ARG B 231 -3.67 -4.95 3.51
CA ARG B 231 -2.64 -4.07 4.08
C ARG B 231 -1.70 -4.82 5.03
N ASP B 232 -2.24 -5.76 5.81
CA ASP B 232 -1.39 -6.62 6.65
C ASP B 232 -0.35 -7.29 5.75
N ILE B 233 -0.79 -7.82 4.63
CA ILE B 233 0.07 -8.59 3.75
C ILE B 233 1.10 -7.72 3.00
N ARG B 234 0.71 -6.51 2.60
CA ARG B 234 1.69 -5.58 2.01
C ARG B 234 2.68 -5.11 3.09
N THR B 235 2.20 -4.98 4.33
CA THR B 235 3.09 -4.64 5.45
C THR B 235 4.13 -5.76 5.68
N GLU B 236 3.69 -7.01 5.56
CA GLU B 236 4.63 -8.13 5.60
C GLU B 236 5.70 -7.97 4.50
N GLU B 237 5.30 -7.57 3.30
CA GLU B 237 6.30 -7.38 2.24
C GLU B 237 7.34 -6.33 2.63
N SER B 238 6.89 -5.22 3.19
CA SER B 238 7.81 -4.15 3.59
C SER B 238 8.83 -4.64 4.62
N ILE B 239 8.44 -5.61 5.46
CA ILE B 239 9.36 -6.22 6.44
C ILE B 239 10.36 -7.15 5.73
N TYR B 240 9.89 -7.95 4.77
CA TYR B 240 10.81 -8.75 3.96
C TYR B 240 11.85 -7.84 3.26
N GLN B 241 11.38 -6.72 2.72
CA GLN B 241 12.23 -5.81 1.95
C GLN B 241 13.17 -4.95 2.80
N ALA B 242 12.94 -4.91 4.11
CA ALA B 242 13.86 -4.25 5.02
C ALA B 242 15.18 -5.07 5.17
N CYS B 243 15.12 -6.36 4.83
CA CYS B 243 16.32 -7.20 4.74
C CYS B 243 17.23 -6.76 3.60
N SER B 244 18.51 -7.12 3.70
CA SER B 244 19.45 -6.94 2.61
C SER B 244 19.30 -8.13 1.68
N LEU B 245 18.81 -7.87 0.49
CA LEU B 245 18.50 -8.89 -0.51
C LEU B 245 19.07 -8.49 -1.87
N PRO B 246 19.33 -9.46 -2.74
CA PRO B 246 19.66 -9.13 -4.12
C PRO B 246 18.40 -8.64 -4.84
N GLN B 247 18.58 -7.73 -5.79
CA GLN B 247 17.46 -7.17 -6.54
C GLN B 247 16.52 -8.21 -7.13
N GLU B 248 17.06 -9.34 -7.56
CA GLU B 248 16.25 -10.36 -8.21
C GLU B 248 15.20 -10.92 -7.24
N ALA B 249 15.60 -11.09 -5.99
CA ALA B 249 14.68 -11.54 -4.94
C ALA B 249 13.63 -10.47 -4.63
N ARG B 250 14.04 -9.20 -4.57
CA ARG B 250 13.11 -8.11 -4.26
C ARG B 250 11.94 -8.07 -5.23
N THR B 251 12.23 -8.24 -6.52
CA THR B 251 11.22 -8.17 -7.56
C THR B 251 10.25 -9.33 -7.44
N VAL B 252 10.79 -10.53 -7.27
CA VAL B 252 9.91 -11.71 -7.20
C VAL B 252 9.07 -11.68 -5.95
N ILE B 253 9.65 -11.23 -4.85
CA ILE B 253 8.92 -11.08 -3.59
C ILE B 253 7.76 -10.08 -3.77
N HIS B 254 7.99 -8.95 -4.45
CA HIS B 254 6.93 -8.01 -4.74
C HIS B 254 5.85 -8.62 -5.66
N SER B 255 6.27 -9.38 -6.68
CA SER B 255 5.30 -10.00 -7.61
C SER B 255 4.43 -11.05 -6.91
N LEU B 256 5.06 -11.89 -6.10
CA LEU B 256 4.33 -12.92 -5.33
C LEU B 256 3.31 -12.23 -4.39
N THR B 257 3.72 -11.11 -3.80
CA THR B 257 2.84 -10.37 -2.92
C THR B 257 1.60 -9.85 -3.65
N GLU B 258 1.81 -9.20 -4.79
CA GLU B 258 0.73 -8.54 -5.53
C GLU B 258 -0.15 -9.54 -6.25
N ARG B 259 0.45 -10.63 -6.72
CA ARG B 259 -0.26 -11.57 -7.56
C ARG B 259 -0.85 -12.77 -6.79
N LEU B 260 -0.40 -13.00 -5.57
CA LEU B 260 -0.74 -14.23 -4.85
C LEU B 260 -1.11 -13.95 -3.40
N TYR B 261 -0.21 -13.36 -2.64
CA TYR B 261 -0.39 -13.25 -1.19
C TYR B 261 -1.55 -12.34 -0.79
N VAL B 262 -1.71 -11.21 -1.48
CA VAL B 262 -2.74 -10.23 -1.12
C VAL B 262 -4.13 -10.67 -1.51
N GLY B 263 -4.24 -11.66 -2.40
CA GLY B 263 -5.51 -12.18 -2.87
C GLY B 263 -5.47 -12.74 -4.28
N GLY B 264 -6.60 -13.27 -4.74
CA GLY B 264 -6.72 -13.76 -6.10
C GLY B 264 -7.87 -14.72 -6.33
N PRO B 265 -8.02 -15.19 -7.55
CA PRO B 265 -9.17 -16.03 -7.90
C PRO B 265 -8.97 -17.44 -7.39
N MET B 266 -10.09 -18.07 -7.02
CA MET B 266 -10.09 -19.43 -6.50
C MET B 266 -10.88 -20.29 -7.46
N THR B 267 -10.36 -21.49 -7.70
CA THR B 267 -10.90 -22.41 -8.67
C THR B 267 -11.10 -23.78 -8.00
N ASN B 268 -12.30 -24.36 -8.14
CA ASN B 268 -12.57 -25.69 -7.58
C ASN B 268 -11.88 -26.82 -8.37
N SER B 269 -11.98 -28.05 -7.87
CA SER B 269 -11.30 -29.20 -8.46
C SER B 269 -11.80 -29.54 -9.87
N LYS B 270 -13.05 -29.19 -10.14
CA LYS B 270 -13.66 -29.42 -11.47
C LYS B 270 -13.26 -28.37 -12.54
N GLY B 271 -12.45 -27.38 -12.16
CA GLY B 271 -12.00 -26.34 -13.07
C GLY B 271 -12.90 -25.11 -13.13
N GLN B 272 -13.96 -25.10 -12.33
CA GLN B 272 -14.94 -23.99 -12.29
C GLN B 272 -14.47 -22.86 -11.35
N SER B 273 -14.88 -21.63 -11.66
CA SER B 273 -14.55 -20.46 -10.86
C SER B 273 -15.41 -20.48 -9.61
N CYS B 274 -14.76 -20.44 -8.46
CA CYS B 274 -15.42 -20.68 -7.18
C CYS B 274 -15.59 -19.39 -6.38
N GLY B 275 -14.57 -18.54 -6.35
CA GLY B 275 -14.63 -17.29 -5.62
C GLY B 275 -13.39 -16.42 -5.78
N TYR B 276 -13.31 -15.38 -4.95
CA TYR B 276 -12.15 -14.48 -4.94
C TYR B 276 -11.72 -14.14 -3.50
N ARG B 277 -10.41 -14.21 -3.24
CA ARG B 277 -9.85 -14.11 -1.89
C ARG B 277 -9.21 -12.73 -1.71
N ARG B 278 -9.46 -12.09 -0.56
CA ARG B 278 -8.77 -10.86 -0.18
C ARG B 278 -8.20 -10.96 1.25
N CYS B 279 -7.77 -12.17 1.60
CA CYS B 279 -7.16 -12.42 2.89
C CYS B 279 -6.01 -13.41 2.72
N ARG B 280 -5.45 -13.89 3.82
CA ARG B 280 -4.37 -14.87 3.80
C ARG B 280 -4.78 -16.14 3.08
N ALA B 281 -3.93 -16.59 2.15
CA ALA B 281 -4.02 -17.93 1.58
C ALA B 281 -3.48 -18.92 2.58
N SER B 282 -4.31 -19.89 2.95
CA SER B 282 -3.92 -20.93 3.90
C SER B 282 -2.77 -21.82 3.38
N GLY B 283 -2.58 -21.88 2.05
CA GLY B 283 -1.69 -22.84 1.43
C GLY B 283 -0.52 -22.29 0.60
N VAL B 284 0.07 -21.18 1.05
CA VAL B 284 1.31 -20.66 0.43
C VAL B 284 2.47 -20.80 1.41
N PHE B 285 3.70 -20.76 0.90
CA PHE B 285 4.91 -20.85 1.72
C PHE B 285 4.88 -19.91 2.94
N THR B 286 4.48 -18.66 2.72
CA THR B 286 4.56 -17.61 3.73
C THR B 286 3.44 -17.60 4.78
N THR B 287 2.51 -18.54 4.73
CA THR B 287 1.38 -18.57 5.66
C THR B 287 1.85 -18.61 7.11
N SER B 288 2.81 -19.47 7.42
CA SER B 288 3.30 -19.63 8.80
C SER B 288 4.13 -18.42 9.27
N MET B 289 5.11 -18.03 8.48
CA MET B 289 5.95 -16.86 8.77
C MET B 289 5.13 -15.58 8.86
N GLY B 290 4.22 -15.40 7.92
CA GLY B 290 3.39 -14.20 7.86
C GLY B 290 2.44 -14.14 9.04
N ASN B 291 1.71 -15.22 9.29
CA ASN B 291 0.82 -15.28 10.45
C ASN B 291 1.58 -14.97 11.74
N THR B 292 2.77 -15.56 11.90
CA THR B 292 3.57 -15.37 13.11
C THR B 292 3.97 -13.90 13.31
N MET B 293 4.51 -13.30 12.26
CA MET B 293 4.91 -11.88 12.30
C MET B 293 3.74 -10.95 12.61
N THR B 294 2.61 -11.18 11.95
CA THR B 294 1.49 -10.27 12.03
C THR B 294 0.76 -10.44 13.36
N CYS B 295 0.62 -11.69 13.80
CA CYS B 295 0.09 -11.97 15.13
C CYS B 295 0.96 -11.33 16.23
N TYR B 296 2.28 -11.37 16.06
CA TYR B 296 3.22 -10.82 17.02
C TYR B 296 3.11 -9.30 17.12
N ILE B 297 3.08 -8.65 15.96
CA ILE B 297 2.97 -7.19 15.91
C ILE B 297 1.67 -6.73 16.58
N LYS B 298 0.54 -7.34 16.22
CA LYS B 298 -0.75 -6.95 16.76
C LYS B 298 -0.83 -7.23 18.28
N ALA B 299 -0.32 -8.39 18.70
CA ALA B 299 -0.34 -8.79 20.10
C ALA B 299 0.55 -7.92 20.97
N LEU B 300 1.76 -7.64 20.50
CA LEU B 300 2.68 -6.81 21.27
C LEU B 300 2.12 -5.40 21.42
N ALA B 301 1.51 -4.90 20.34
CA ALA B 301 0.88 -3.57 20.40
C ALA B 301 -0.29 -3.58 21.37
N ALA B 302 -1.12 -4.62 21.28
CA ALA B 302 -2.31 -4.75 22.14
C ALA B 302 -1.94 -4.84 23.63
N CYS B 303 -0.81 -5.47 23.95
CA CYS B 303 -0.29 -5.52 25.31
C CYS B 303 -0.03 -4.10 25.86
N LYS B 304 0.57 -3.24 25.04
CA LYS B 304 0.84 -1.86 25.45
C LYS B 304 -0.45 -1.05 25.58
N ALA B 305 -1.40 -1.24 24.66
CA ALA B 305 -2.70 -0.59 24.75
C ALA B 305 -3.48 -1.02 26.01
N ALA B 306 -3.30 -2.28 26.42
CA ALA B 306 -4.07 -2.87 27.50
C ALA B 306 -3.48 -2.62 28.91
N GLY B 307 -2.23 -2.20 28.98
CA GLY B 307 -1.56 -2.03 30.27
C GLY B 307 -0.95 -3.31 30.80
N ILE B 308 -0.71 -4.30 29.93
CA ILE B 308 -0.09 -5.55 30.33
C ILE B 308 1.38 -5.24 30.59
N VAL B 309 1.87 -5.58 31.79
CA VAL B 309 3.21 -5.16 32.18
C VAL B 309 4.21 -6.32 32.12
N ASP B 310 5.31 -6.06 31.40
CA ASP B 310 6.42 -6.99 31.21
C ASP B 310 6.01 -8.23 30.41
N PRO B 311 5.36 -8.07 29.26
CA PRO B 311 4.88 -9.24 28.50
C PRO B 311 6.03 -10.07 27.95
N VAL B 312 5.90 -11.39 28.07
CA VAL B 312 6.76 -12.33 27.38
C VAL B 312 5.82 -13.19 26.55
N MET B 313 5.94 -13.15 25.22
CA MET B 313 4.98 -13.82 24.35
C MET B 313 5.64 -15.00 23.66
N LEU B 314 4.87 -16.06 23.44
CA LEU B 314 5.25 -17.15 22.56
C LEU B 314 4.25 -17.20 21.39
N VAL B 315 4.73 -16.93 20.17
CA VAL B 315 3.89 -16.87 18.97
C VAL B 315 4.26 -17.99 17.98
N CYS B 316 3.30 -18.83 17.63
CA CYS B 316 3.46 -19.79 16.52
C CYS B 316 2.31 -19.63 15.55
N GLY B 317 2.57 -18.93 14.45
CA GLY B 317 1.53 -18.56 13.53
C GLY B 317 0.45 -17.76 14.25
N ASP B 318 -0.80 -18.21 14.11
CA ASP B 318 -1.95 -17.56 14.77
C ASP B 318 -2.11 -17.87 16.27
N ASP B 319 -1.23 -18.71 16.82
CA ASP B 319 -1.31 -19.15 18.22
C ASP B 319 -0.48 -18.26 19.14
N LEU B 320 -1.11 -17.75 20.21
CA LEU B 320 -0.47 -16.77 21.07
C LEU B 320 -0.68 -17.06 22.56
N VAL B 321 0.41 -17.04 23.30
CA VAL B 321 0.40 -17.06 24.74
C VAL B 321 1.15 -15.86 25.22
N VAL B 322 0.59 -15.18 26.22
CA VAL B 322 1.24 -14.07 26.87
C VAL B 322 1.35 -14.31 28.36
N ILE B 323 2.57 -14.21 28.88
CA ILE B 323 2.85 -14.31 30.29
C ILE B 323 3.34 -12.95 30.80
N SER B 324 2.82 -12.52 31.94
CA SER B 324 3.16 -11.21 32.49
C SER B 324 2.97 -11.14 34.01
N GLU B 325 3.14 -9.96 34.58
CA GLU B 325 2.89 -9.73 36.00
C GLU B 325 1.44 -9.42 36.30
N SER B 326 0.82 -10.25 37.13
CA SER B 326 -0.51 -10.00 37.63
C SER B 326 -0.58 -8.63 38.30
N GLN B 327 -1.64 -7.91 37.97
CA GLN B 327 -1.91 -6.59 38.52
C GLN B 327 -3.07 -6.66 39.51
N GLY B 328 -3.44 -7.88 39.91
CA GLY B 328 -4.60 -8.12 40.72
C GLY B 328 -5.65 -8.88 39.97
N ASN B 329 -6.59 -9.45 40.70
CA ASN B 329 -7.55 -10.35 40.12
C ASN B 329 -8.54 -9.61 39.21
N GLU B 330 -9.16 -8.53 39.72
CA GLU B 330 -10.09 -7.72 38.92
C GLU B 330 -9.34 -7.02 37.77
N GLU B 331 -8.16 -6.51 38.09
CA GLU B 331 -7.33 -5.77 37.14
C GLU B 331 -6.96 -6.65 35.92
N ASP B 332 -6.57 -7.90 36.18
CA ASP B 332 -6.21 -8.85 35.13
C ASP B 332 -7.37 -9.07 34.18
N GLU B 333 -8.57 -9.26 34.72
CA GLU B 333 -9.74 -9.48 33.88
C GLU B 333 -10.03 -8.22 33.06
N ARG B 334 -9.81 -7.05 33.64
CA ARG B 334 -10.01 -5.78 32.95
C ARG B 334 -9.02 -5.61 31.83
N ASN B 335 -7.74 -5.81 32.14
CA ASN B 335 -6.66 -5.71 31.16
C ASN B 335 -6.88 -6.64 29.96
N LEU B 336 -7.38 -7.86 30.19
CA LEU B 336 -7.59 -8.82 29.11
C LEU B 336 -8.73 -8.37 28.21
N ARG B 337 -9.78 -7.80 28.79
CA ARG B 337 -10.87 -7.25 27.98
C ARG B 337 -10.32 -6.14 27.08
N ALA B 338 -9.44 -5.29 27.62
CA ALA B 338 -8.81 -4.22 26.84
C ALA B 338 -7.87 -4.79 25.76
N PHE B 339 -7.20 -5.90 26.05
CA PHE B 339 -6.32 -6.54 25.08
C PHE B 339 -7.16 -7.00 23.90
N THR B 340 -8.28 -7.62 24.21
CA THR B 340 -9.21 -8.11 23.23
C THR B 340 -9.82 -6.99 22.38
N GLU B 341 -10.15 -5.86 23.00
CA GLU B 341 -10.64 -4.69 22.28
C GLU B 341 -9.61 -4.20 21.25
N ALA B 342 -8.34 -4.14 21.64
CA ALA B 342 -7.26 -3.63 20.77
C ALA B 342 -6.99 -4.57 19.61
N MET B 343 -6.92 -5.87 19.92
CA MET B 343 -6.76 -6.90 18.90
C MET B 343 -7.93 -6.83 17.90
N THR B 344 -9.13 -6.53 18.42
CA THR B 344 -10.32 -6.44 17.56
C THR B 344 -10.20 -5.25 16.59
N ARG B 345 -9.82 -4.07 17.09
CA ARG B 345 -9.55 -2.92 16.23
C ARG B 345 -8.53 -3.28 15.14
N TYR B 346 -7.50 -4.03 15.51
CA TYR B 346 -6.40 -4.41 14.61
C TYR B 346 -6.78 -5.50 13.61
N SER B 347 -8.03 -5.97 13.67
CA SER B 347 -8.58 -7.02 12.81
C SER B 347 -8.01 -8.36 13.20
N ALA B 348 -8.24 -8.70 14.47
CA ALA B 348 -7.93 -10.02 15.00
C ALA B 348 -8.87 -10.23 16.19
N PRO B 349 -10.16 -10.35 15.89
CA PRO B 349 -11.18 -10.52 16.93
C PRO B 349 -11.19 -11.95 17.49
N PRO B 350 -11.77 -12.15 18.67
CA PRO B 350 -11.64 -13.41 19.41
C PRO B 350 -12.63 -14.49 19.03
N GLY B 351 -12.21 -15.76 19.14
CA GLY B 351 -13.14 -16.87 19.18
C GLY B 351 -13.64 -17.01 20.61
N ASP B 352 -12.99 -17.88 21.38
CA ASP B 352 -13.21 -17.92 22.81
C ASP B 352 -12.51 -16.71 23.43
N LEU B 353 -13.10 -16.14 24.47
CA LEU B 353 -12.54 -15.00 25.15
C LEU B 353 -11.35 -15.47 25.99
N PRO B 354 -10.28 -14.67 26.04
CA PRO B 354 -9.14 -15.02 26.87
C PRO B 354 -9.53 -14.94 28.35
N ARG B 355 -8.94 -15.83 29.16
CA ARG B 355 -9.12 -15.82 30.61
C ARG B 355 -7.75 -15.85 31.29
N PRO B 356 -7.60 -15.15 32.41
CA PRO B 356 -6.33 -15.19 33.13
C PRO B 356 -6.15 -16.57 33.75
N GLU B 357 -4.93 -17.12 33.65
CA GLU B 357 -4.57 -18.39 34.28
C GLU B 357 -3.39 -18.18 35.22
N TYR B 358 -3.41 -18.83 36.38
CA TYR B 358 -2.39 -18.64 37.41
C TYR B 358 -1.66 -19.96 37.74
N ASP B 359 -1.87 -20.98 36.91
CA ASP B 359 -1.14 -22.26 37.01
C ASP B 359 -0.63 -22.60 35.61
N LEU B 360 0.69 -22.77 35.48
CA LEU B 360 1.31 -22.98 34.19
C LEU B 360 0.80 -24.23 33.47
N GLU B 361 0.45 -25.27 34.22
CA GLU B 361 -0.02 -26.53 33.62
C GLU B 361 -1.29 -26.35 32.78
N LEU B 362 -2.09 -25.35 33.10
CA LEU B 362 -3.38 -25.12 32.43
C LEU B 362 -3.31 -24.11 31.28
N ILE B 363 -2.11 -23.68 30.94
CA ILE B 363 -1.92 -22.83 29.79
C ILE B 363 -1.57 -23.69 28.57
N THR B 364 -2.32 -23.49 27.49
CA THR B 364 -2.13 -24.20 26.23
C THR B 364 -1.50 -23.31 25.14
N SER B 365 -0.34 -23.73 24.62
CA SER B 365 0.30 -23.15 23.44
C SER B 365 0.35 -24.21 22.34
N CYS B 366 -0.34 -23.99 21.23
CA CYS B 366 -0.44 -24.97 20.12
C CYS B 366 -1.05 -26.30 20.58
N SER B 367 -2.13 -26.18 21.34
CA SER B 367 -2.82 -27.31 21.93
C SER B 367 -2.01 -28.08 22.99
N SER B 368 -0.79 -27.61 23.29
CA SER B 368 0.13 -28.26 24.23
C SER B 368 0.30 -27.49 25.55
N ASN B 369 0.60 -28.20 26.62
CA ASN B 369 0.95 -27.59 27.91
C ASN B 369 2.15 -28.25 28.56
N VAL B 370 2.79 -27.54 29.49
CA VAL B 370 3.85 -28.08 30.33
C VAL B 370 3.26 -28.88 31.51
N SER B 371 3.83 -30.04 31.77
CA SER B 371 3.50 -30.87 32.95
C SER B 371 4.79 -31.42 33.57
N VAL B 372 4.66 -32.07 34.72
CA VAL B 372 5.83 -32.51 35.47
C VAL B 372 5.67 -33.98 35.89
N ALA B 373 6.82 -34.63 36.04
CA ALA B 373 6.92 -36.00 36.52
C ALA B 373 8.30 -36.21 37.16
N LEU B 374 8.60 -37.45 37.55
CA LEU B 374 9.89 -37.80 38.14
C LEU B 374 10.65 -38.78 37.24
N ASP B 375 11.98 -38.67 37.21
CA ASP B 375 12.82 -39.64 36.49
C ASP B 375 13.29 -40.73 37.45
N SER B 376 14.17 -41.60 36.98
CA SER B 376 14.58 -42.80 37.75
C SER B 376 15.47 -42.50 38.95
N ARG B 377 16.01 -41.29 39.03
CA ARG B 377 16.77 -40.84 40.20
C ARG B 377 15.93 -39.94 41.12
N GLY B 378 14.63 -39.89 40.88
CA GLY B 378 13.72 -39.05 41.66
C GLY B 378 13.74 -37.54 41.37
N ARG B 379 14.37 -37.13 40.29
CA ARG B 379 14.46 -35.71 39.92
C ARG B 379 13.21 -35.25 39.15
N ARG B 380 12.69 -34.07 39.49
CA ARG B 380 11.59 -33.45 38.75
C ARG B 380 12.03 -33.17 37.32
N ARG B 381 11.19 -33.52 36.37
CA ARG B 381 11.42 -33.26 34.95
C ARG B 381 10.14 -32.77 34.32
N TYR B 382 10.23 -31.69 33.56
CA TYR B 382 9.09 -31.12 32.86
C TYR B 382 9.12 -31.51 31.40
N PHE B 383 7.94 -31.58 30.81
CA PHE B 383 7.79 -32.04 29.43
C PHE B 383 6.49 -31.49 28.83
N LEU B 384 6.40 -31.53 27.49
CA LEU B 384 5.25 -31.07 26.78
C LEU B 384 4.26 -32.22 26.58
N THR B 385 2.97 -31.92 26.75
CA THR B 385 1.92 -32.91 26.53
C THR B 385 0.68 -32.21 25.98
N ARG B 386 -0.38 -32.97 25.73
CA ARG B 386 -1.63 -32.42 25.24
C ARG B 386 -2.75 -33.44 25.47
N ASP B 387 -3.98 -33.00 25.28
CA ASP B 387 -5.11 -33.89 25.28
C ASP B 387 -4.93 -34.96 24.19
N PRO B 388 -4.99 -36.24 24.55
CA PRO B 388 -4.69 -37.33 23.63
C PRO B 388 -5.88 -37.83 22.78
N THR B 389 -7.04 -37.20 22.92
CA THR B 389 -8.22 -37.59 22.15
C THR B 389 -7.98 -37.61 20.63
N THR B 390 -7.60 -36.47 20.06
CA THR B 390 -7.41 -36.39 18.63
C THR B 390 -6.24 -37.27 18.14
N PRO B 391 -5.10 -37.24 18.81
CA PRO B 391 -4.01 -38.19 18.49
C PRO B 391 -4.43 -39.68 18.47
N ILE B 392 -5.22 -40.13 19.43
CA ILE B 392 -5.62 -41.54 19.48
C ILE B 392 -6.66 -41.83 18.40
N THR B 393 -7.58 -40.88 18.17
CA THR B 393 -8.61 -41.07 17.15
C THR B 393 -8.01 -41.15 15.77
N ARG B 394 -7.03 -40.28 15.50
CA ARG B 394 -6.32 -40.31 14.23
C ARG B 394 -5.48 -41.57 14.07
N ALA B 395 -4.89 -42.05 15.16
CA ALA B 395 -4.11 -43.29 15.15
C ALA B 395 -4.98 -44.48 14.72
N ALA B 396 -6.21 -44.52 15.24
CA ALA B 396 -7.19 -45.54 14.88
C ALA B 396 -7.52 -45.51 13.39
N TRP B 397 -7.84 -44.32 12.88
CA TRP B 397 -8.17 -44.15 11.47
C TRP B 397 -7.01 -44.59 10.58
N GLU B 398 -5.82 -44.10 10.89
CA GLU B 398 -4.61 -44.36 10.09
C GLU B 398 -4.13 -45.81 10.20
N THR B 399 -4.63 -46.55 11.18
CA THR B 399 -4.33 -47.97 11.30
C THR B 399 -5.03 -48.73 10.17
N VAL B 400 -6.24 -48.31 9.81
CA VAL B 400 -7.03 -49.01 8.80
C VAL B 400 -7.05 -48.31 7.43
N ARG B 401 -6.63 -47.05 7.36
CA ARG B 401 -6.55 -46.30 6.09
C ARG B 401 -5.19 -45.61 6.00
N HIS B 402 -4.31 -46.16 5.16
CA HIS B 402 -2.97 -45.60 4.94
C HIS B 402 -3.00 -44.11 4.60
N SER B 403 -2.15 -43.34 5.29
CA SER B 403 -1.90 -41.94 4.98
C SER B 403 -0.43 -41.80 4.60
N PRO B 404 -0.13 -41.32 3.40
CA PRO B 404 1.24 -40.93 3.04
C PRO B 404 1.95 -40.02 4.06
N VAL B 405 1.21 -39.29 4.89
CA VAL B 405 1.78 -38.51 5.98
C VAL B 405 1.13 -38.92 7.34
N ASN B 406 1.90 -39.64 8.17
CA ASN B 406 1.48 -40.45 9.34
C ASN B 406 1.46 -39.72 10.71
N SER B 407 0.32 -39.12 11.09
CA SER B 407 0.23 -38.32 12.31
C SER B 407 0.73 -39.00 13.60
N TRP B 408 0.58 -40.32 13.71
CA TRP B 408 1.02 -41.03 14.90
C TRP B 408 2.54 -40.94 15.15
N LEU B 409 3.33 -40.90 14.08
CA LEU B 409 4.79 -40.86 14.20
C LEU B 409 5.23 -39.47 14.69
N GLY B 410 4.58 -38.43 14.19
CA GLY B 410 4.76 -37.08 14.70
C GLY B 410 4.42 -36.98 16.18
N ASN B 411 3.36 -37.66 16.62
CA ASN B 411 2.97 -37.60 18.03
C ASN B 411 3.96 -38.33 18.92
N ILE B 412 4.56 -39.41 18.43
CA ILE B 412 5.59 -40.09 19.21
C ILE B 412 6.80 -39.17 19.45
N ILE B 413 7.24 -38.50 18.41
CA ILE B 413 8.44 -37.69 18.48
C ILE B 413 8.21 -36.44 19.34
N GLN B 414 7.09 -35.76 19.14
CA GLN B 414 6.79 -34.56 19.91
C GLN B 414 6.53 -34.89 21.36
N TYR B 415 5.78 -35.97 21.60
CA TYR B 415 5.22 -36.24 22.93
C TYR B 415 5.72 -37.54 23.55
N ALA B 416 6.94 -37.93 23.16
CA ALA B 416 7.55 -39.17 23.62
C ALA B 416 7.56 -39.39 25.13
N PRO B 417 7.82 -38.36 25.95
CA PRO B 417 7.88 -38.56 27.39
C PRO B 417 6.53 -38.81 28.09
N THR B 418 5.42 -38.67 27.38
CA THR B 418 4.07 -38.70 27.98
C THR B 418 3.58 -40.11 28.20
N ILE B 419 2.69 -40.30 29.16
CA ILE B 419 2.15 -41.62 29.50
C ILE B 419 1.31 -42.20 28.36
N TRP B 420 0.60 -41.33 27.64
CA TRP B 420 -0.29 -41.79 26.58
C TRP B 420 0.48 -42.23 25.32
N VAL B 421 1.56 -41.53 24.97
CA VAL B 421 2.41 -42.01 23.88
C VAL B 421 3.11 -43.32 24.27
N ARG B 422 3.67 -43.37 25.47
CA ARG B 422 4.52 -44.49 25.85
C ARG B 422 3.69 -45.77 26.03
N MET B 423 2.55 -45.65 26.70
CA MET B 423 1.70 -46.80 27.02
C MET B 423 0.75 -47.18 25.88
N VAL B 424 0.22 -46.21 25.16
CA VAL B 424 -0.81 -46.48 24.14
C VAL B 424 -0.26 -46.45 22.73
N ILE B 425 0.23 -45.29 22.28
CA ILE B 425 0.57 -45.14 20.86
C ILE B 425 1.77 -46.00 20.46
N MET B 426 2.84 -45.98 21.25
CA MET B 426 4.05 -46.79 20.97
C MET B 426 3.70 -48.29 20.93
N THR B 427 2.96 -48.74 21.93
CA THR B 427 2.54 -50.16 22.05
C THR B 427 1.76 -50.61 20.85
N HIS B 428 0.80 -49.80 20.45
CA HIS B 428 -0.10 -50.11 19.34
C HIS B 428 0.66 -50.19 18.02
N PHE B 429 1.52 -49.20 17.74
CA PHE B 429 2.18 -49.17 16.44
C PHE B 429 3.39 -50.10 16.35
N PHE B 430 4.15 -50.27 17.42
CA PHE B 430 5.26 -51.22 17.36
C PHE B 430 4.73 -52.65 17.14
N SER B 431 3.55 -52.97 17.68
CA SER B 431 2.94 -54.25 17.37
C SER B 431 2.64 -54.40 15.88
N ILE B 432 2.10 -53.35 15.27
CA ILE B 432 1.73 -53.41 13.86
C ILE B 432 2.98 -53.54 13.00
N LEU B 433 4.02 -52.76 13.33
CA LEU B 433 5.27 -52.80 12.58
C LEU B 433 5.91 -54.18 12.64
N LEU B 434 5.81 -54.84 13.79
CA LEU B 434 6.28 -56.23 13.91
C LEU B 434 5.49 -57.21 13.04
N ALA B 435 4.17 -57.02 13.00
CA ALA B 435 3.27 -57.89 12.24
C ALA B 435 3.46 -57.74 10.73
N GLN B 436 3.72 -56.51 10.28
CA GLN B 436 3.98 -56.20 8.87
C GLN B 436 5.44 -56.45 8.48
N ASP B 437 6.30 -56.62 9.47
CA ASP B 437 7.75 -56.68 9.26
C ASP B 437 8.26 -55.46 8.49
N THR B 438 7.85 -54.27 8.92
CA THR B 438 8.27 -53.02 8.30
C THR B 438 8.93 -52.07 9.32
N LEU B 439 9.57 -52.63 10.35
CA LEU B 439 10.32 -51.85 11.35
C LEU B 439 11.38 -50.95 10.70
N ASN B 440 12.05 -51.47 9.67
CA ASN B 440 13.20 -50.80 9.04
C ASN B 440 12.84 -49.82 7.92
N GLN B 441 11.58 -49.46 7.79
CA GLN B 441 11.09 -48.72 6.62
C GLN B 441 10.87 -47.26 7.02
N ASN B 442 11.43 -46.34 6.22
CA ASN B 442 11.21 -44.91 6.46
C ASN B 442 9.77 -44.50 6.19
N LEU B 443 9.29 -43.58 7.02
CA LEU B 443 7.92 -43.11 6.96
C LEU B 443 7.91 -41.58 6.99
N ASN B 444 7.06 -40.96 6.17
CA ASN B 444 6.88 -39.51 6.20
C ASN B 444 5.81 -39.14 7.21
N PHE B 445 6.06 -38.08 7.97
CA PHE B 445 5.09 -37.59 8.93
C PHE B 445 5.12 -36.08 9.01
N GLU B 446 4.01 -35.51 9.47
CA GLU B 446 3.87 -34.05 9.60
C GLU B 446 4.09 -33.63 11.06
N MET B 447 4.68 -32.45 11.25
CA MET B 447 5.01 -31.93 12.56
C MET B 447 5.41 -30.44 12.46
N TYR B 448 4.70 -29.55 13.16
CA TYR B 448 5.05 -28.12 13.20
C TYR B 448 5.16 -27.48 11.80
N GLY B 449 4.19 -27.78 10.94
CA GLY B 449 4.11 -27.16 9.63
C GLY B 449 5.12 -27.64 8.59
N ALA B 450 5.70 -28.83 8.80
CA ALA B 450 6.66 -29.40 7.86
C ALA B 450 6.58 -30.92 7.81
N VAL B 451 7.19 -31.51 6.79
CA VAL B 451 7.18 -32.96 6.61
C VAL B 451 8.60 -33.47 6.81
N TYR B 452 8.72 -34.61 7.51
CA TYR B 452 9.99 -35.21 7.87
C TYR B 452 9.98 -36.71 7.52
N SER B 453 11.15 -37.33 7.56
CA SER B 453 11.29 -38.74 7.25
C SER B 453 12.13 -39.42 8.33
N VAL B 454 11.55 -40.44 8.96
CA VAL B 454 12.20 -41.16 10.05
C VAL B 454 11.97 -42.67 9.92
N ASN B 455 13.02 -43.41 10.27
CA ASN B 455 12.99 -44.85 10.40
C ASN B 455 12.64 -45.20 11.86
N PRO B 456 11.57 -45.96 12.09
CA PRO B 456 11.16 -46.26 13.47
C PRO B 456 12.27 -46.85 14.34
N LEU B 457 13.19 -47.61 13.77
CA LEU B 457 14.32 -48.14 14.51
C LEU B 457 15.27 -47.06 15.07
N ASP B 458 15.26 -45.86 14.48
CA ASP B 458 16.00 -44.72 15.05
C ASP B 458 15.27 -43.97 16.17
N LEU B 459 14.07 -44.40 16.54
CA LEU B 459 13.28 -43.65 17.50
C LEU B 459 13.90 -43.49 18.89
N PRO B 460 14.52 -44.54 19.45
CA PRO B 460 15.22 -44.41 20.73
C PRO B 460 16.27 -43.30 20.74
N ALA B 461 17.09 -43.24 19.70
CA ALA B 461 18.15 -42.23 19.61
C ALA B 461 17.59 -40.82 19.42
N ILE B 462 16.54 -40.68 18.60
CA ILE B 462 15.87 -39.40 18.38
C ILE B 462 15.24 -38.90 19.66
N ILE B 463 14.59 -39.80 20.39
CA ILE B 463 13.94 -39.44 21.63
C ILE B 463 14.96 -39.01 22.68
N GLU B 464 16.06 -39.73 22.79
CA GLU B 464 17.09 -39.35 23.74
C GLU B 464 17.64 -37.96 23.42
N ARG B 465 17.94 -37.72 22.15
CA ARG B 465 18.48 -36.44 21.69
C ARG B 465 17.52 -35.26 22.02
N LEU B 466 16.25 -35.43 21.68
CA LEU B 466 15.24 -34.41 21.89
C LEU B 466 14.80 -34.24 23.34
N HIS B 467 14.62 -35.35 24.05
CA HIS B 467 13.95 -35.33 25.37
C HIS B 467 14.78 -35.82 26.53
N GLY B 468 16.00 -36.32 26.27
CA GLY B 468 16.85 -36.89 27.31
C GLY B 468 16.53 -38.35 27.60
N LEU B 469 17.51 -39.06 28.18
CA LEU B 469 17.31 -40.44 28.68
C LEU B 469 16.13 -40.56 29.64
N GLU B 470 15.82 -39.46 30.34
CA GLU B 470 14.68 -39.40 31.26
C GLU B 470 13.34 -39.69 30.60
N ALA B 471 13.23 -39.44 29.30
CA ALA B 471 12.04 -39.81 28.54
C ALA B 471 11.68 -41.30 28.61
N PHE B 472 12.65 -42.13 28.96
CA PHE B 472 12.42 -43.58 29.09
C PHE B 472 12.21 -44.02 30.52
N SER B 473 12.20 -43.09 31.48
CA SER B 473 11.99 -43.45 32.86
C SER B 473 11.01 -42.58 33.65
N LEU B 474 10.25 -41.69 33.01
CA LEU B 474 9.31 -40.84 33.76
C LEU B 474 8.20 -41.66 34.45
N HIS B 475 7.82 -41.25 35.66
CA HIS B 475 6.76 -41.88 36.45
C HIS B 475 6.18 -40.82 37.39
N THR B 476 5.13 -41.17 38.14
CA THR B 476 4.45 -40.23 39.03
C THR B 476 4.01 -38.98 38.27
N TYR B 477 3.19 -39.22 37.24
CA TYR B 477 2.57 -38.15 36.48
C TYR B 477 1.52 -37.38 37.33
N SER B 478 1.15 -36.19 36.85
CA SER B 478 0.33 -35.26 37.62
C SER B 478 -1.13 -35.69 37.58
N PRO B 479 -1.91 -35.32 38.58
CA PRO B 479 -3.34 -35.67 38.56
C PRO B 479 -4.11 -35.06 37.38
N HIS B 480 -3.80 -33.83 37.01
CA HIS B 480 -4.41 -33.21 35.82
C HIS B 480 -4.18 -34.03 34.57
N GLU B 481 -2.95 -34.52 34.42
CA GLU B 481 -2.55 -35.32 33.27
C GLU B 481 -3.26 -36.68 33.28
N LEU B 482 -3.18 -37.39 34.40
CA LEU B 482 -3.77 -38.72 34.51
C LEU B 482 -5.28 -38.71 34.36
N SER B 483 -5.93 -37.67 34.90
CA SER B 483 -7.38 -37.49 34.71
C SER B 483 -7.72 -37.33 33.23
N ARG B 484 -6.94 -36.53 32.53
CA ARG B 484 -7.19 -36.24 31.12
C ARG B 484 -7.00 -37.51 30.25
N VAL B 485 -5.96 -38.29 30.54
CA VAL B 485 -5.74 -39.54 29.82
C VAL B 485 -6.88 -40.54 30.10
N ALA B 486 -7.24 -40.69 31.37
CA ALA B 486 -8.38 -41.53 31.80
C ALA B 486 -9.70 -41.14 31.12
N ALA B 487 -9.99 -39.85 31.06
CA ALA B 487 -11.23 -39.39 30.42
C ALA B 487 -11.23 -39.69 28.92
N THR B 488 -10.07 -39.66 28.29
CA THR B 488 -9.99 -39.92 26.86
C THR B 488 -10.27 -41.41 26.61
N LEU B 489 -9.63 -42.27 27.39
CA LEU B 489 -9.81 -43.71 27.21
C LEU B 489 -11.28 -44.10 27.42
N ARG B 490 -11.92 -43.47 28.39
CA ARG B 490 -13.33 -43.73 28.69
C ARG B 490 -14.22 -43.26 27.54
N LYS B 491 -13.94 -42.06 27.04
CA LYS B 491 -14.71 -41.45 25.95
C LYS B 491 -14.63 -42.24 24.64
N LEU B 492 -13.43 -42.77 24.33
CA LEU B 492 -13.19 -43.45 23.06
C LEU B 492 -13.51 -44.93 23.16
N GLY B 493 -13.70 -45.42 24.38
CA GLY B 493 -13.86 -46.83 24.64
C GLY B 493 -12.61 -47.65 24.40
N ALA B 494 -11.47 -47.11 24.82
CA ALA B 494 -10.19 -47.77 24.67
C ALA B 494 -9.89 -48.64 25.89
N PRO B 495 -9.04 -49.64 25.72
CA PRO B 495 -8.60 -50.43 26.87
C PRO B 495 -7.94 -49.55 27.94
N PRO B 496 -8.05 -49.94 29.20
CA PRO B 496 -7.44 -49.19 30.30
C PRO B 496 -5.92 -49.36 30.28
N LEU B 497 -5.21 -48.46 30.95
CA LEU B 497 -3.74 -48.43 30.92
C LEU B 497 -3.13 -49.75 31.38
N ARG B 498 -3.74 -50.42 32.35
CA ARG B 498 -3.26 -51.74 32.80
C ARG B 498 -3.25 -52.79 31.67
N ALA B 499 -4.24 -52.76 30.79
CA ALA B 499 -4.24 -53.60 29.57
C ALA B 499 -3.14 -53.25 28.56
N TRP B 500 -2.89 -51.96 28.37
CA TRP B 500 -1.78 -51.53 27.50
C TRP B 500 -0.43 -52.01 28.03
N LYS B 501 -0.30 -52.10 29.35
CA LYS B 501 0.91 -52.61 29.95
C LYS B 501 1.09 -54.11 29.68
N SER B 502 0.01 -54.89 29.75
CA SER B 502 0.07 -56.32 29.40
C SER B 502 0.53 -56.50 27.95
N ARG B 503 0.00 -55.65 27.07
CA ARG B 503 0.34 -55.68 25.65
C ARG B 503 1.79 -55.30 25.43
N ALA B 504 2.23 -54.25 26.13
CA ALA B 504 3.58 -53.73 25.97
C ALA B 504 4.62 -54.76 26.37
N ARG B 505 4.35 -55.54 27.41
CA ARG B 505 5.29 -56.59 27.82
C ARG B 505 5.53 -57.53 26.66
N ALA B 506 4.47 -57.95 25.98
CA ALA B 506 4.61 -58.87 24.85
C ALA B 506 5.35 -58.23 23.67
N VAL B 507 5.03 -56.98 23.37
CA VAL B 507 5.66 -56.27 22.26
C VAL B 507 7.17 -56.10 22.54
N ARG B 508 7.52 -55.74 23.77
CA ARG B 508 8.89 -55.61 24.19
C ARG B 508 9.68 -56.91 23.99
N ALA B 509 9.13 -58.01 24.47
CA ALA B 509 9.78 -59.31 24.32
C ALA B 509 9.99 -59.66 22.86
N SER B 510 8.99 -59.37 22.02
CA SER B 510 9.10 -59.60 20.57
C SER B 510 10.22 -58.75 19.94
N LEU B 511 10.32 -57.48 20.34
CA LEU B 511 11.37 -56.60 19.81
C LEU B 511 12.77 -57.09 20.17
N ILE B 512 12.95 -57.45 21.43
CA ILE B 512 14.22 -57.95 21.94
C ILE B 512 14.64 -59.23 21.20
N ALA B 513 13.70 -60.12 20.95
CA ALA B 513 13.99 -61.39 20.25
C ALA B 513 14.44 -61.15 18.82
N GLN B 514 14.00 -60.04 18.24
CA GLN B 514 14.39 -59.69 16.87
C GLN B 514 15.85 -59.23 16.79
N GLY B 515 16.43 -58.84 17.92
CA GLY B 515 17.85 -58.53 18.00
C GLY B 515 18.19 -57.17 17.44
N ALA B 516 19.47 -56.80 17.50
CA ALA B 516 19.98 -55.61 16.82
C ALA B 516 19.26 -54.30 17.24
N ARG B 517 18.88 -53.45 16.29
CA ARG B 517 18.20 -52.19 16.60
C ARG B 517 16.77 -52.39 17.14
N ALA B 518 16.07 -53.43 16.70
CA ALA B 518 14.73 -53.69 17.24
C ALA B 518 14.85 -53.92 18.74
N ALA B 519 15.92 -54.59 19.17
CA ALA B 519 16.08 -54.92 20.59
C ALA B 519 16.34 -53.68 21.45
N ILE B 520 17.03 -52.70 20.88
CA ILE B 520 17.19 -51.39 21.52
C ILE B 520 15.84 -50.69 21.68
N CYS B 521 14.98 -50.78 20.68
CA CYS B 521 13.62 -50.24 20.80
C CYS B 521 12.86 -50.91 21.96
N GLY B 522 12.96 -52.23 22.07
CA GLY B 522 12.30 -52.93 23.15
C GLY B 522 12.80 -52.51 24.51
N ARG B 523 14.12 -52.46 24.66
CA ARG B 523 14.74 -52.23 25.97
C ARG B 523 14.52 -50.82 26.48
N TYR B 524 14.64 -49.85 25.58
CA TYR B 524 14.55 -48.42 25.91
C TYR B 524 13.08 -47.94 25.94
N LEU B 525 12.36 -48.17 24.86
CA LEU B 525 10.99 -47.65 24.76
C LEU B 525 10.02 -48.30 25.76
N PHE B 526 10.28 -49.54 26.17
CA PHE B 526 9.33 -50.28 26.99
C PHE B 526 9.88 -50.78 28.32
N ASN B 527 10.92 -50.10 28.83
CA ASN B 527 11.45 -50.38 30.17
C ASN B 527 10.40 -50.16 31.26
N TRP B 528 9.44 -49.28 30.98
CA TRP B 528 8.35 -48.98 31.92
C TRP B 528 7.43 -50.21 32.17
N ALA B 529 7.35 -51.11 31.20
CA ALA B 529 6.41 -52.22 31.25
C ALA B 529 6.89 -53.44 32.06
N VAL B 530 8.17 -53.51 32.41
CA VAL B 530 8.70 -54.70 33.14
C VAL B 530 8.94 -54.44 34.63
N LYS B 531 8.91 -55.50 35.43
CA LYS B 531 9.16 -55.40 36.89
C LYS B 531 10.63 -55.10 37.23
N THR B 532 11.56 -55.84 36.62
CA THR B 532 12.99 -55.63 36.85
C THR B 532 13.60 -54.70 35.79
N LYS B 533 13.70 -53.43 36.14
CA LYS B 533 14.15 -52.39 35.21
C LYS B 533 15.61 -52.56 34.84
N LEU B 534 15.91 -52.45 33.54
CA LEU B 534 17.28 -52.35 33.06
C LEU B 534 17.80 -50.95 33.37
N LYS B 535 19.10 -50.84 33.61
CA LYS B 535 19.76 -49.53 33.72
C LYS B 535 20.13 -49.04 32.33
N LEU B 536 19.40 -48.04 31.87
CA LEU B 536 19.58 -47.51 30.52
C LEU B 536 20.80 -46.57 30.44
N THR B 537 21.70 -46.85 29.50
CA THR B 537 22.90 -46.02 29.26
C THR B 537 22.70 -45.15 28.02
N PRO B 538 23.39 -44.02 27.91
CA PRO B 538 23.20 -43.15 26.73
C PRO B 538 23.51 -43.87 25.43
N LEU B 539 22.69 -43.64 24.42
CA LEU B 539 22.89 -44.25 23.12
C LEU B 539 23.90 -43.40 22.37
N PRO B 540 25.01 -44.00 21.93
CA PRO B 540 26.04 -43.27 21.20
C PRO B 540 25.50 -42.46 20.01
N GLU B 541 24.56 -43.04 19.30
CA GLU B 541 24.01 -42.41 18.09
C GLU B 541 23.19 -41.12 18.40
N ALA B 542 22.63 -41.01 19.60
CA ALA B 542 21.80 -39.85 19.98
C ALA B 542 22.50 -38.49 19.84
N SER B 543 23.73 -38.41 20.35
CA SER B 543 24.50 -37.16 20.31
C SER B 543 25.11 -36.87 18.92
N ARG B 544 25.08 -37.86 18.02
CA ARG B 544 25.60 -37.70 16.67
C ARG B 544 24.55 -37.37 15.60
N LEU B 545 23.27 -37.47 15.96
CA LEU B 545 22.20 -37.33 14.96
C LEU B 545 22.29 -35.97 14.26
N ASP B 546 22.17 -36.00 12.92
CA ASP B 546 22.12 -34.78 12.13
C ASP B 546 20.66 -34.32 12.04
N LEU B 547 20.23 -33.54 13.03
CA LEU B 547 18.89 -32.96 13.06
C LEU B 547 18.92 -31.50 12.53
N SER B 548 19.74 -31.29 11.49
CA SER B 548 19.92 -29.99 10.87
C SER B 548 18.60 -29.52 10.27
N GLY B 549 18.03 -28.46 10.84
CA GLY B 549 16.85 -27.82 10.29
C GLY B 549 15.51 -28.37 10.74
N TRP B 550 15.49 -29.18 11.79
CA TRP B 550 14.23 -29.78 12.24
C TRP B 550 13.23 -28.78 12.82
N PHE B 551 13.70 -27.79 13.56
CA PHE B 551 12.77 -26.84 14.14
C PHE B 551 13.18 -25.45 13.70
N THR B 552 12.84 -25.09 12.46
CA THR B 552 13.30 -23.83 11.87
C THR B 552 12.25 -23.07 11.09
N VAL B 553 11.45 -23.77 10.30
CA VAL B 553 10.64 -23.13 9.28
C VAL B 553 9.43 -23.99 8.94
N GLY B 554 8.26 -23.37 9.00
CA GLY B 554 7.01 -23.99 8.59
C GLY B 554 6.53 -23.41 7.27
N ALA B 555 5.54 -24.07 6.67
CA ALA B 555 4.95 -23.64 5.41
C ALA B 555 3.45 -23.91 5.42
N GLY B 556 2.71 -23.14 4.64
CA GLY B 556 1.27 -23.36 4.50
C GLY B 556 1.02 -24.76 3.96
N GLY B 557 -0.01 -25.41 4.49
CA GLY B 557 -0.33 -26.79 4.13
C GLY B 557 0.75 -27.80 4.49
N GLY B 558 1.66 -27.42 5.38
CA GLY B 558 2.86 -28.20 5.65
C GLY B 558 3.74 -28.51 4.45
N ASP B 559 3.79 -27.62 3.45
CA ASP B 559 4.47 -27.96 2.16
C ASP B 559 5.99 -27.68 2.12
N ILE B 560 6.72 -28.27 3.06
CA ILE B 560 8.17 -28.15 3.15
C ILE B 560 8.72 -29.43 3.78
N TYR B 561 9.85 -29.90 3.28
CA TYR B 561 10.40 -31.21 3.61
C TYR B 561 11.84 -31.12 4.12
N HIS B 562 12.13 -31.88 5.17
CA HIS B 562 13.47 -31.95 5.75
C HIS B 562 14.13 -33.30 5.43
N SER B 563 15.30 -33.23 4.80
CA SER B 563 16.12 -34.38 4.38
C SER B 563 16.19 -34.43 2.84
C14 VGI C . -0.18 46.05 -32.82
C15 VGI C . 0.94 45.98 -32.03
BR1 VGI C . 0.81 45.54 -30.18
C16 VGI C . 2.20 46.27 -32.59
C17 VGI C . 2.30 46.63 -33.93
C18 VGI C . 1.16 46.68 -34.71
C13 VGI C . -0.08 46.38 -34.17
N2 VGI C . -1.25 46.46 -34.96
C9 VGI C . -1.70 45.20 -35.47
O1 VGI C . -0.91 44.22 -35.51
C12 VGI C . -2.14 47.49 -34.78
O2 VGI C . -1.65 48.48 -34.20
C8 VGI C . -3.50 47.44 -35.35
C10 VGI C . -4.32 48.60 -35.26
C11 VGI C . -5.59 48.51 -35.81
C7 VGI C . -6.07 47.34 -36.42
C1 VGI C . -5.24 46.19 -36.53
C2 VGI C . -3.93 46.24 -35.97
C3 VGI C . -3.07 45.10 -36.05
C4 VGI C . -3.51 43.89 -36.66
C5 VGI C . -4.83 43.83 -37.20
C6 VGI C . -5.67 44.98 -37.15
N1 VGI C . -6.94 44.96 -37.60
C19 VGI C . -7.47 44.20 -38.78
C20 VGI C . -8.54 43.14 -38.29
O3 VGI C . -8.94 43.14 -36.89
C14 VGI D . 3.50 -45.70 33.29
C15 VGI D . 4.73 -45.33 32.78
BR1 VGI D . 4.90 -44.82 30.93
C16 VGI D . 5.86 -45.33 33.62
C17 VGI D . 5.74 -45.74 34.94
C18 VGI D . 4.50 -46.10 35.45
C13 VGI D . 3.38 -46.08 34.62
N2 VGI D . 2.10 -46.45 35.14
C9 VGI D . 1.24 -45.36 35.43
O1 VGI D . 1.72 -44.25 35.60
C12 VGI D . 1.58 -47.68 34.83
O2 VGI D . 2.40 -48.51 34.44
C8 VGI D . 0.14 -47.96 35.10
C10 VGI D . -0.32 -49.32 34.89
C11 VGI D . -1.70 -49.50 35.14
C7 VGI D . -2.52 -48.45 35.53
C1 VGI D . -2.09 -47.14 35.77
C2 VGI D . -0.71 -46.90 35.54
C3 VGI D . -0.22 -45.59 35.70
C4 VGI D . -1.06 -44.55 36.15
C5 VGI D . -2.46 -44.80 36.39
C6 VGI D . -2.98 -46.11 36.19
N1 VGI D . -4.34 -46.35 36.38
C19 VGI D . -5.37 -45.48 37.07
C20 VGI D . -5.99 -46.33 38.22
O3 VGI D . -5.14 -47.52 38.39
#